data_2Q8D
#
_entry.id   2Q8D
#
_cell.length_a   100.857
_cell.length_b   148.642
_cell.length_c   57.346
_cell.angle_alpha   90.00
_cell.angle_beta   90.00
_cell.angle_gamma   90.00
#
_symmetry.space_group_name_H-M   'P 21 21 2'
#
loop_
_entity.id
_entity.type
_entity.pdbx_description
1 polymer 'JmjC domain-containing histone demethylation protein 3A'
2 polymer 'HISTONE 3 peptide'
3 non-polymer 'NICKEL (II) ION'
4 non-polymer 'ZINC ION'
5 non-polymer 'SUCCINIC ACID'
6 water water
#
loop_
_entity_poly.entity_id
_entity_poly.type
_entity_poly.pdbx_seq_one_letter_code
_entity_poly.pdbx_strand_id
1 'polypeptide(L)'
;GSMASESETLNPSARIMTFYPTMEEFRNFSRYIAYIESQGAHRAGLAKVVPPKEWKPRASYDDIDDLVIPAPIQQLVTGQ
SGLFTQYNIQKKAMTVREFRKIANSDKYCTPRYSEFEELERKYWKNLTFNPPIYGADVNGTLYEKHVDEWNIGRLRTILD
LVEKESGITIEGVNTPYLYFGMWKTSFAWHTEDMDLYSINYLHFGEPKSWYSVPPEHGKRLERLAKGFFPGSAQSCEAFL
RHKMTLISPLMLKKYGIPFDKVTQEAGEFMITFPYGYHAGFNHGFNCAESTNFATRRWIEYGKQAVLCSCRKDMVKISMD
VFVRKFQPERYKLWKAGKDNTVIDHTLPTPEA
;
A,B
2 'polypeptide(L)' RKSAPATGGV(MLY)KPHRY F,G
#
# COMPACT_ATOMS: atom_id res chain seq x y z
N MET A 3 -14.79 -20.15 5.06
CA MET A 3 -13.32 -20.00 4.85
C MET A 3 -12.67 -19.08 5.90
N ALA A 4 -12.90 -17.77 5.78
CA ALA A 4 -12.33 -16.75 6.69
C ALA A 4 -12.93 -16.82 8.10
N SER A 5 -12.25 -16.24 9.08
CA SER A 5 -12.74 -16.22 10.47
C SER A 5 -13.86 -15.20 10.65
N GLU A 6 -14.58 -15.27 11.78
CA GLU A 6 -15.66 -14.33 12.09
C GLU A 6 -15.21 -12.87 12.13
N SER A 7 -14.10 -12.61 12.84
CA SER A 7 -13.55 -11.27 12.95
C SER A 7 -13.01 -10.74 11.61
N GLU A 8 -12.37 -11.61 10.83
CA GLU A 8 -11.90 -11.25 9.48
C GLU A 8 -13.05 -10.82 8.54
N THR A 9 -14.28 -11.26 8.86
CA THR A 9 -15.48 -10.99 8.04
C THR A 9 -16.10 -9.62 8.35
N LEU A 10 -15.81 -9.09 9.54
CA LEU A 10 -16.39 -7.82 9.97
C LEU A 10 -15.48 -6.70 9.50
N ASN A 11 -16.09 -5.65 8.90
CA ASN A 11 -15.34 -4.54 8.31
C ASN A 11 -14.17 -5.03 7.43
N PRO A 12 -14.47 -5.84 6.38
CA PRO A 12 -13.42 -6.47 5.58
C PRO A 12 -12.61 -5.45 4.76
N SER A 13 -13.19 -4.27 4.53
CA SER A 13 -12.47 -3.20 3.82
C SER A 13 -11.75 -2.25 4.78
N ALA A 14 -11.67 -2.63 6.07
CA ALA A 14 -10.98 -1.84 7.10
C ALA A 14 -11.28 -0.33 7.02
N ARG A 15 -12.55 -0.02 6.78
CA ARG A 15 -13.02 1.35 6.61
C ARG A 15 -13.32 2.00 7.96
N ILE A 16 -13.11 3.32 8.04
CA ILE A 16 -13.42 4.12 9.24
C ILE A 16 -14.92 4.05 9.48
N MET A 17 -15.29 3.55 10.65
CA MET A 17 -16.71 3.42 11.00
C MET A 17 -17.15 4.54 11.92
N THR A 18 -18.43 4.89 11.84
CA THR A 18 -19.05 5.93 12.68
C THR A 18 -20.21 5.35 13.50
N PHE A 19 -20.20 5.63 14.80
CA PHE A 19 -21.19 5.08 15.71
C PHE A 19 -21.98 6.19 16.38
N TYR A 20 -23.27 5.92 16.58
CA TYR A 20 -24.21 6.84 17.21
C TYR A 20 -24.88 6.16 18.40
N PRO A 21 -24.15 6.04 19.53
CA PRO A 21 -24.67 5.33 20.71
C PRO A 21 -25.85 6.07 21.34
N THR A 22 -26.87 5.34 21.79
CA THR A 22 -27.89 5.93 22.66
C THR A 22 -27.25 6.27 24.02
N MET A 23 -27.91 7.10 24.82
CA MET A 23 -27.37 7.50 26.12
C MET A 23 -27.01 6.28 26.99
N GLU A 24 -27.87 5.26 26.93
CA GLU A 24 -27.67 3.98 27.64
C GLU A 24 -26.38 3.27 27.22
N GLU A 25 -26.16 3.19 25.90
CA GLU A 25 -24.98 2.52 25.36
C GLU A 25 -23.72 3.31 25.64
N PHE A 26 -23.87 4.64 25.72
CA PHE A 26 -22.76 5.57 25.89
C PHE A 26 -22.15 5.52 27.30
N ARG A 27 -22.98 5.30 28.32
CA ARG A 27 -22.53 5.33 29.73
C ARG A 27 -21.31 4.44 30.09
N ASN A 28 -21.26 3.23 29.56
CA ASN A 28 -20.15 2.33 29.89
C ASN A 28 -19.09 2.39 28.81
N PHE A 29 -18.02 3.15 29.09
CA PHE A 29 -17.01 3.44 28.10
C PHE A 29 -16.29 2.19 27.58
N SER A 30 -15.84 1.35 28.50
CA SER A 30 -15.08 0.15 28.14
C SER A 30 -15.96 -0.90 27.49
N ARG A 31 -17.26 -0.91 27.83
CA ARG A 31 -18.24 -1.80 27.19
C ARG A 31 -18.41 -1.34 25.74
N TYR A 32 -18.53 -0.02 25.55
CA TYR A 32 -18.67 0.52 24.20
C TYR A 32 -17.46 0.32 23.31
N ILE A 33 -16.25 0.34 23.89
CA ILE A 33 -15.05 0.05 23.11
C ILE A 33 -15.11 -1.39 22.65
N ALA A 34 -15.39 -2.31 23.57
CA ALA A 34 -15.56 -3.72 23.23
C ALA A 34 -16.65 -3.93 22.17
N TYR A 35 -17.73 -3.14 22.22
CA TYR A 35 -18.79 -3.21 21.22
C TYR A 35 -18.33 -2.84 19.80
N ILE A 36 -17.66 -1.69 19.67
CA ILE A 36 -17.22 -1.21 18.36
C ILE A 36 -16.13 -2.09 17.75
N GLU A 37 -15.35 -2.75 18.60
CA GLU A 37 -14.42 -3.77 18.13
C GLU A 37 -15.15 -5.04 17.66
N SER A 38 -16.25 -5.40 18.30
CA SER A 38 -17.08 -6.53 17.85
C SER A 38 -17.71 -6.23 16.49
N GLN A 39 -17.66 -4.97 16.06
CA GLN A 39 -18.18 -4.59 14.74
C GLN A 39 -17.04 -4.41 13.75
N GLY A 40 -15.80 -4.59 14.19
CA GLY A 40 -14.63 -4.51 13.33
C GLY A 40 -14.09 -3.11 13.12
N ALA A 41 -14.55 -2.16 13.94
CA ALA A 41 -14.14 -0.74 13.86
C ALA A 41 -12.64 -0.59 13.97
N HIS A 42 -12.02 -1.43 14.79
CA HIS A 42 -10.60 -1.35 15.07
C HIS A 42 -9.75 -1.67 13.87
N ARG A 43 -10.35 -2.36 12.89
CA ARG A 43 -9.67 -2.73 11.67
C ARG A 43 -9.27 -1.51 10.85
N ALA A 44 -10.00 -0.41 11.04
CA ALA A 44 -9.67 0.87 10.38
C ALA A 44 -8.46 1.60 11.00
N GLY A 45 -8.26 1.42 12.30
CA GLY A 45 -7.25 2.15 13.04
C GLY A 45 -7.86 3.37 13.76
N LEU A 46 -9.04 3.76 13.31
CA LEU A 46 -9.66 5.00 13.71
C LEU A 46 -11.18 4.79 13.62
N ALA A 47 -11.90 5.25 14.63
CA ALA A 47 -13.36 5.24 14.61
C ALA A 47 -13.90 6.57 15.11
N LYS A 48 -15.10 6.93 14.66
CA LYS A 48 -15.80 8.13 15.14
C LYS A 48 -16.96 7.74 16.02
N VAL A 49 -17.05 8.37 17.19
CA VAL A 49 -18.18 8.17 18.08
C VAL A 49 -18.88 9.50 18.33
N VAL A 50 -20.11 9.59 17.86
CA VAL A 50 -20.92 10.79 18.05
C VAL A 50 -21.80 10.56 19.27
N PRO A 51 -21.55 11.31 20.36
CA PRO A 51 -22.26 11.10 21.62
C PRO A 51 -23.71 11.59 21.51
N PRO A 52 -24.62 11.09 22.38
CA PRO A 52 -26.03 11.43 22.29
C PRO A 52 -26.24 12.94 22.40
N LYS A 53 -27.20 13.47 21.64
CA LYS A 53 -27.42 14.91 21.54
C LYS A 53 -27.49 15.60 22.91
N GLU A 54 -28.26 15.02 23.83
CA GLU A 54 -28.37 15.55 25.19
C GLU A 54 -27.25 15.05 26.09
N TRP A 55 -26.02 15.25 25.63
CA TRP A 55 -24.83 15.01 26.43
C TRP A 55 -23.81 16.12 26.18
N LYS A 56 -23.26 16.62 27.27
CA LYS A 56 -22.29 17.71 27.20
C LYS A 56 -21.25 17.57 28.33
N PRO A 57 -19.98 17.81 28.01
CA PRO A 57 -18.88 17.72 28.98
C PRO A 57 -18.68 18.98 29.81
N ARG A 58 -19.30 20.07 29.36
CA ARG A 58 -19.12 21.41 29.94
C ARG A 58 -20.33 22.27 29.61
N ALA A 59 -20.76 23.07 30.58
CA ALA A 59 -21.87 24.00 30.40
C ALA A 59 -21.63 25.06 29.31
N SER A 60 -20.44 25.66 29.31
CA SER A 60 -20.05 26.68 28.31
C SER A 60 -18.54 26.93 28.28
N TYR A 61 -18.07 27.40 27.13
CA TYR A 61 -16.63 27.68 26.96
C TYR A 61 -16.33 29.18 26.97
N ASP A 62 -17.07 29.93 27.78
CA ASP A 62 -16.99 31.39 27.80
C ASP A 62 -15.97 31.96 28.80
N ASP A 63 -15.51 31.09 29.70
CA ASP A 63 -14.56 31.48 30.75
C ASP A 63 -13.11 31.08 30.46
N ILE A 64 -12.84 30.58 29.25
CA ILE A 64 -11.56 29.92 28.97
C ILE A 64 -10.54 30.81 28.25
N ASP A 65 -10.96 32.05 27.96
CA ASP A 65 -10.15 33.03 27.22
C ASP A 65 -8.81 33.36 27.90
N ASP A 66 -8.81 33.24 29.23
CA ASP A 66 -7.70 33.67 30.09
C ASP A 66 -6.77 32.50 30.48
N LEU A 67 -7.10 31.29 30.01
CA LEU A 67 -6.26 30.12 30.21
C LEU A 67 -4.96 30.18 29.39
N VAL A 68 -3.87 29.68 29.97
CA VAL A 68 -2.54 29.83 29.38
C VAL A 68 -2.09 28.60 28.59
N ILE A 69 -1.45 28.88 27.46
CA ILE A 69 -0.76 27.90 26.63
C ILE A 69 0.75 28.15 26.87
N PRO A 70 1.40 27.33 27.72
CA PRO A 70 2.78 27.65 28.14
C PRO A 70 3.88 27.43 27.10
N ALA A 71 3.59 26.60 26.09
CA ALA A 71 4.57 26.26 25.07
C ALA A 71 3.93 26.13 23.68
N PRO A 72 3.39 27.22 23.14
CA PRO A 72 2.88 27.10 21.77
C PRO A 72 4.04 26.86 20.79
N ILE A 73 3.76 26.15 19.70
CA ILE A 73 4.81 25.88 18.75
C ILE A 73 4.45 26.39 17.37
N GLN A 74 5.41 27.03 16.71
CA GLN A 74 5.27 27.39 15.31
C GLN A 74 5.72 26.22 14.44
N GLN A 75 4.87 25.83 13.50
CA GLN A 75 5.12 24.63 12.68
C GLN A 75 5.76 25.00 11.35
N LEU A 76 7.09 24.88 11.30
CA LEU A 76 7.87 25.07 10.07
C LEU A 76 7.94 23.74 9.28
N VAL A 77 7.26 23.71 8.14
CA VAL A 77 7.18 22.52 7.31
C VAL A 77 8.08 22.68 6.09
N THR A 78 8.93 21.68 5.87
CA THR A 78 9.86 21.66 4.75
C THR A 78 9.58 20.43 3.88
N GLY A 79 9.59 20.64 2.58
CA GLY A 79 9.48 19.54 1.64
C GLY A 79 8.65 19.87 0.42
N GLN A 80 8.36 18.84 -0.37
CA GLN A 80 7.60 18.98 -1.61
C GLN A 80 7.04 17.64 -2.08
N SER A 81 6.05 17.71 -2.96
CA SER A 81 5.59 16.54 -3.70
C SER A 81 5.09 15.47 -2.74
N GLY A 82 4.24 15.88 -1.80
CA GLY A 82 3.65 14.98 -0.84
C GLY A 82 4.48 14.45 0.31
N LEU A 83 5.79 14.73 0.34
CA LEU A 83 6.68 14.35 1.46
C LEU A 83 7.25 15.57 2.18
N PHE A 84 7.03 15.63 3.49
CA PHE A 84 7.42 16.78 4.31
C PHE A 84 7.94 16.38 5.68
N THR A 85 8.85 17.21 6.22
CA THR A 85 9.28 17.15 7.61
C THR A 85 8.87 18.44 8.32
N GLN A 86 8.15 18.25 9.43
CA GLN A 86 7.66 19.36 10.23
C GLN A 86 8.59 19.68 11.42
N TYR A 87 9.04 20.93 11.47
CA TYR A 87 9.91 21.38 12.58
C TYR A 87 9.13 22.28 13.52
N ASN A 88 9.20 21.97 14.81
CA ASN A 88 8.47 22.72 15.83
C ASN A 88 9.31 23.79 16.47
N ILE A 89 8.91 25.04 16.29
CA ILE A 89 9.62 26.12 16.94
C ILE A 89 8.78 26.59 18.11
N GLN A 90 9.32 26.41 19.32
CA GLN A 90 8.61 26.82 20.51
C GLN A 90 8.64 28.33 20.67
N LYS A 91 7.44 28.90 20.80
CA LYS A 91 7.24 30.31 21.00
C LYS A 91 6.93 30.56 22.48
N LYS A 92 6.92 31.83 22.86
CA LYS A 92 6.66 32.23 24.25
C LYS A 92 5.18 32.06 24.63
N ALA A 93 4.95 31.87 25.93
CA ALA A 93 3.62 31.58 26.48
C ALA A 93 2.58 32.60 26.06
N MET A 94 1.37 32.14 25.77
CA MET A 94 0.28 33.05 25.44
C MET A 94 -1.05 32.54 26.00
N THR A 95 -2.02 33.43 26.10
CA THR A 95 -3.38 33.10 26.55
C THR A 95 -4.19 32.55 25.38
N VAL A 96 -5.35 31.97 25.66
CA VAL A 96 -6.25 31.50 24.60
C VAL A 96 -6.76 32.68 23.76
N ARG A 97 -7.01 33.82 24.42
CA ARG A 97 -7.44 35.03 23.75
C ARG A 97 -6.37 35.51 22.78
N GLU A 98 -5.11 35.45 23.21
CA GLU A 98 -4.01 35.88 22.35
C GLU A 98 -3.87 34.92 21.19
N PHE A 99 -4.15 33.64 21.45
CA PHE A 99 -4.16 32.61 20.41
C PHE A 99 -5.31 32.77 19.41
N ARG A 100 -6.53 32.96 19.90
CA ARG A 100 -7.72 33.11 19.04
C ARG A 100 -7.64 34.34 18.12
N LYS A 101 -7.16 35.47 18.65
CA LYS A 101 -7.00 36.68 17.84
C LYS A 101 -6.10 36.41 16.63
N ILE A 102 -4.96 35.76 16.89
CA ILE A 102 -4.00 35.39 15.84
C ILE A 102 -4.59 34.36 14.86
N ALA A 103 -5.34 33.38 15.38
CA ALA A 103 -5.96 32.35 14.56
C ALA A 103 -7.02 32.89 13.57
N ASN A 104 -7.80 33.87 14.03
CA ASN A 104 -8.86 34.47 13.21
C ASN A 104 -8.40 35.70 12.41
N SER A 105 -7.15 36.11 12.61
CA SER A 105 -6.57 37.24 11.88
C SER A 105 -6.41 36.83 10.43
N ASP A 106 -6.54 37.81 9.55
CA ASP A 106 -6.51 37.63 8.10
C ASP A 106 -5.31 36.85 7.61
N LYS A 107 -4.17 37.03 8.28
CA LYS A 107 -2.94 36.34 7.94
C LYS A 107 -3.06 34.82 8.13
N TYR A 108 -3.69 34.40 9.21
CA TYR A 108 -3.71 32.98 9.61
C TYR A 108 -5.04 32.25 9.45
N CYS A 109 -6.10 32.96 9.10
CA CYS A 109 -7.43 32.34 9.08
C CYS A 109 -7.66 31.35 7.91
N THR A 110 -8.68 30.50 8.07
CA THR A 110 -9.12 29.56 7.03
C THR A 110 -9.47 30.27 5.71
N PRO A 111 -8.90 29.82 4.58
CA PRO A 111 -9.30 30.37 3.29
C PRO A 111 -10.71 29.93 2.90
N ARG A 112 -11.39 30.73 2.06
CA ARG A 112 -12.71 30.37 1.54
C ARG A 112 -12.64 29.11 0.67
N TYR A 113 -13.74 28.36 0.65
CA TYR A 113 -13.81 27.10 -0.09
C TYR A 113 -15.23 26.56 -0.14
N SER A 114 -15.49 25.72 -1.14
CA SER A 114 -16.81 25.13 -1.37
C SER A 114 -17.00 23.82 -0.61
N GLU A 115 -16.04 22.91 -0.76
CA GLU A 115 -16.15 21.58 -0.17
C GLU A 115 -14.82 21.15 0.39
N PHE A 116 -14.85 20.13 1.26
CA PHE A 116 -13.66 19.61 1.93
C PHE A 116 -12.47 19.39 1.00
N GLU A 117 -12.74 18.81 -0.17
CA GLU A 117 -11.67 18.48 -1.10
C GLU A 117 -10.86 19.69 -1.57
N GLU A 118 -11.52 20.83 -1.66
CA GLU A 118 -10.86 22.09 -1.99
C GLU A 118 -9.98 22.54 -0.82
N LEU A 119 -10.53 22.47 0.40
CA LEU A 119 -9.78 22.84 1.59
C LEU A 119 -8.58 21.93 1.77
N GLU A 120 -8.79 20.63 1.55
CA GLU A 120 -7.74 19.64 1.61
C GLU A 120 -6.63 19.86 0.58
N ARG A 121 -6.99 20.30 -0.64
CA ARG A 121 -6.02 20.63 -1.70
C ARG A 121 -5.20 21.87 -1.34
N LYS A 122 -5.85 22.85 -0.75
CA LYS A 122 -5.19 24.07 -0.26
C LYS A 122 -4.26 23.76 0.91
N TYR A 123 -4.62 22.76 1.71
CA TYR A 123 -3.78 22.37 2.81
C TYR A 123 -2.46 21.80 2.30
N TRP A 124 -2.55 20.81 1.41
CA TRP A 124 -1.37 20.16 0.84
C TRP A 124 -0.56 21.06 -0.10
N LYS A 125 -1.18 22.12 -0.60
CA LYS A 125 -0.52 23.10 -1.48
C LYS A 125 0.26 24.15 -0.69
N ASN A 126 -0.28 24.54 0.47
CA ASN A 126 0.23 25.71 1.19
C ASN A 126 0.83 25.39 2.56
N LEU A 127 0.99 24.11 2.87
CA LEU A 127 1.39 23.75 4.23
C LEU A 127 2.81 24.18 4.60
N THR A 128 3.67 24.39 3.60
CA THR A 128 5.03 24.87 3.84
C THR A 128 5.13 26.40 3.92
N PHE A 129 4.03 27.09 3.63
CA PHE A 129 3.98 28.55 3.67
C PHE A 129 3.29 29.05 4.92
N ASN A 130 3.70 30.24 5.37
CA ASN A 130 3.04 30.92 6.48
C ASN A 130 2.95 30.07 7.76
N PRO A 131 4.09 29.64 8.31
CA PRO A 131 4.01 28.67 9.42
C PRO A 131 3.04 29.07 10.54
N PRO A 132 2.03 28.22 10.79
CA PRO A 132 1.02 28.51 11.81
C PRO A 132 1.51 28.19 13.22
N ILE A 133 0.71 28.57 14.20
CA ILE A 133 1.00 28.25 15.60
C ILE A 133 -0.06 27.28 16.13
N TYR A 134 0.41 26.25 16.83
CA TYR A 134 -0.46 25.23 17.40
C TYR A 134 -0.30 25.33 18.91
N GLY A 135 -1.41 25.51 19.62
CA GLY A 135 -1.40 25.48 21.09
C GLY A 135 -1.49 24.04 21.55
N ALA A 136 -0.45 23.28 21.24
CA ALA A 136 -0.47 21.84 21.41
C ALA A 136 0.08 21.41 22.76
N ASP A 137 -0.31 20.20 23.21
CA ASP A 137 0.16 19.59 24.47
C ASP A 137 -0.05 20.42 25.72
N VAL A 138 -1.23 21.02 25.86
CA VAL A 138 -1.53 21.78 27.09
C VAL A 138 -2.16 20.87 28.15
N ASN A 139 -1.44 20.69 29.26
CA ASN A 139 -1.93 19.91 30.41
C ASN A 139 -3.24 20.43 30.97
N GLY A 140 -4.32 19.67 30.83
CA GLY A 140 -5.61 20.04 31.42
C GLY A 140 -6.82 19.39 30.77
N THR A 141 -7.99 19.62 31.34
CA THR A 141 -9.28 19.13 30.85
C THR A 141 -10.18 20.33 30.69
N LEU A 142 -11.12 20.23 29.76
CA LEU A 142 -12.24 21.16 29.76
C LEU A 142 -13.51 20.56 30.39
N TYR A 143 -13.49 19.25 30.67
CA TYR A 143 -14.60 18.54 31.32
C TYR A 143 -14.97 19.10 32.70
N GLU A 144 -16.26 19.12 32.99
CA GLU A 144 -16.76 19.45 34.33
C GLU A 144 -16.59 18.25 35.29
N LYS A 145 -16.24 18.54 36.54
CA LYS A 145 -15.95 17.52 37.56
C LYS A 145 -16.94 16.34 37.65
N HIS A 146 -18.24 16.63 37.52
CA HIS A 146 -19.31 15.66 37.73
C HIS A 146 -19.62 14.72 36.54
N VAL A 147 -19.01 15.00 35.37
CA VAL A 147 -19.26 14.25 34.15
C VAL A 147 -18.63 12.85 34.22
N ASP A 148 -19.49 11.83 34.32
CA ASP A 148 -19.06 10.46 34.54
C ASP A 148 -19.00 9.61 33.28
N GLU A 149 -19.44 10.18 32.16
CA GLU A 149 -19.48 9.46 30.88
C GLU A 149 -18.35 9.97 30.00
N TRP A 150 -17.51 9.04 29.56
CA TRP A 150 -16.39 9.35 28.67
C TRP A 150 -15.58 10.55 29.10
N ASN A 151 -15.25 10.61 30.40
CA ASN A 151 -14.45 11.70 30.94
C ASN A 151 -12.98 11.38 30.70
N ILE A 152 -12.41 12.03 29.68
CA ILE A 152 -11.01 11.87 29.27
C ILE A 152 -10.01 11.93 30.44
N GLY A 153 -10.35 12.72 31.46
CA GLY A 153 -9.56 12.80 32.70
C GLY A 153 -9.64 11.59 33.64
N ARG A 154 -10.64 10.73 33.46
CA ARG A 154 -10.82 9.53 34.29
C ARG A 154 -11.63 8.42 33.61
N LEU A 155 -11.04 7.77 32.62
CA LEU A 155 -11.76 6.75 31.83
C LEU A 155 -11.84 5.38 32.50
N ARG A 156 -10.95 5.14 33.47
CA ARG A 156 -10.93 3.92 34.28
C ARG A 156 -10.59 2.62 33.53
N THR A 157 -9.83 2.74 32.43
CA THR A 157 -9.33 1.57 31.72
C THR A 157 -8.13 0.97 32.47
N ILE A 158 -7.63 -0.16 31.99
CA ILE A 158 -6.47 -0.81 32.62
C ILE A 158 -5.12 -0.06 32.48
N LEU A 159 -5.05 0.96 31.64
CA LEU A 159 -3.88 1.85 31.62
C LEU A 159 -3.60 2.42 33.02
N ASP A 160 -4.66 2.59 33.81
CA ASP A 160 -4.58 2.99 35.21
C ASP A 160 -3.61 2.16 36.06
N LEU A 161 -3.34 0.93 35.65
CA LEU A 161 -2.40 0.07 36.37
C LEU A 161 -0.96 0.62 36.40
N VAL A 162 -0.60 1.46 35.44
CA VAL A 162 0.70 2.12 35.40
C VAL A 162 0.92 3.01 36.64
N GLU A 163 0.02 3.97 36.86
CA GLU A 163 0.12 4.84 38.02
C GLU A 163 -0.13 4.04 39.30
N LYS A 164 -1.11 3.13 39.26
CA LYS A 164 -1.46 2.26 40.39
C LYS A 164 -0.25 1.47 40.90
N GLU A 165 0.47 0.85 39.96
CA GLU A 165 1.67 0.04 40.26
C GLU A 165 2.87 0.90 40.67
N SER A 166 3.08 2.04 40.01
CA SER A 166 4.36 2.76 40.06
C SER A 166 4.33 4.22 40.55
N GLY A 167 3.16 4.87 40.50
CA GLY A 167 3.04 6.29 40.84
C GLY A 167 3.36 7.18 39.64
N ILE A 168 3.75 6.56 38.52
CA ILE A 168 4.20 7.28 37.35
C ILE A 168 3.07 7.87 36.51
N THR A 169 3.11 9.19 36.40
CA THR A 169 2.28 9.99 35.52
C THR A 169 3.08 10.30 34.24
N ILE A 170 2.48 10.03 33.09
CA ILE A 170 3.05 10.38 31.80
C ILE A 170 2.06 11.34 31.13
N GLU A 171 2.46 12.62 31.04
CA GLU A 171 1.58 13.69 30.56
C GLU A 171 1.06 13.42 29.16
N GLY A 172 -0.27 13.49 29.02
CA GLY A 172 -0.92 13.27 27.73
C GLY A 172 -1.20 11.81 27.47
N VAL A 173 -0.57 10.93 28.24
CA VAL A 173 -0.73 9.49 28.07
C VAL A 173 -1.69 8.94 29.13
N ASN A 174 -1.37 9.12 30.42
CA ASN A 174 -2.34 8.83 31.46
C ASN A 174 -2.83 10.09 32.19
N THR A 175 -2.70 11.22 31.50
CA THR A 175 -3.33 12.49 31.89
C THR A 175 -3.75 13.20 30.60
N PRO A 176 -4.75 14.12 30.67
CA PRO A 176 -5.22 14.75 29.43
C PRO A 176 -4.36 15.91 28.94
N TYR A 177 -4.45 16.12 27.63
CA TYR A 177 -3.84 17.23 26.95
C TYR A 177 -4.94 17.99 26.20
N LEU A 178 -4.76 19.30 26.11
CA LEU A 178 -5.61 20.15 25.29
C LEU A 178 -4.84 20.66 24.08
N TYR A 179 -5.53 20.78 22.95
CA TYR A 179 -4.90 21.28 21.74
C TYR A 179 -5.71 22.41 21.16
N PHE A 180 -5.10 23.58 21.06
CA PHE A 180 -5.74 24.73 20.43
C PHE A 180 -5.18 24.86 19.05
N GLY A 181 -6.05 24.64 18.08
CA GLY A 181 -5.66 24.63 16.68
C GLY A 181 -6.01 25.92 15.98
N MET A 182 -5.32 26.14 14.86
CA MET A 182 -5.70 27.13 13.87
C MET A 182 -5.57 26.46 12.52
N TRP A 183 -6.02 27.15 11.48
CA TRP A 183 -5.91 26.66 10.11
C TRP A 183 -4.51 26.14 9.82
N LYS A 184 -4.42 24.94 9.26
CA LYS A 184 -3.17 24.40 8.71
C LYS A 184 -2.19 23.90 9.76
N THR A 185 -2.60 23.89 11.03
CA THR A 185 -1.86 23.15 12.04
C THR A 185 -2.07 21.65 11.82
N SER A 186 -0.99 20.88 11.89
CA SER A 186 -1.03 19.46 11.55
C SER A 186 -0.54 18.55 12.64
N PHE A 187 -1.02 17.32 12.61
CA PHE A 187 -0.42 16.25 13.39
C PHE A 187 0.12 15.21 12.43
N ALA A 188 1.42 14.96 12.54
CA ALA A 188 2.15 14.07 11.68
C ALA A 188 1.77 12.60 11.88
N TRP A 189 2.15 11.76 10.91
CA TRP A 189 1.90 10.31 10.91
C TRP A 189 2.55 9.62 12.11
N HIS A 190 1.72 8.98 12.92
CA HIS A 190 2.22 8.28 14.10
C HIS A 190 1.21 7.25 14.60
N THR A 191 1.70 6.28 15.37
CA THR A 191 0.88 5.52 16.27
C THR A 191 1.07 6.10 17.66
N GLU A 192 0.21 5.72 18.60
CA GLU A 192 0.33 6.19 19.97
C GLU A 192 1.58 5.65 20.65
N ASP A 193 2.04 6.31 21.72
CA ASP A 193 3.08 5.75 22.55
C ASP A 193 2.68 4.34 23.01
N MET A 194 3.63 3.41 22.96
CA MET A 194 3.40 1.99 23.32
C MET A 194 2.31 1.33 22.50
N ASP A 195 1.98 1.95 21.36
CA ASP A 195 0.90 1.52 20.48
C ASP A 195 -0.40 1.39 21.27
N LEU A 196 -0.65 2.36 22.15
CA LEU A 196 -1.88 2.46 22.90
C LEU A 196 -3.06 2.92 22.02
N TYR A 197 -4.27 2.86 22.57
CA TYR A 197 -5.40 3.58 22.03
C TYR A 197 -5.30 5.07 22.38
N SER A 198 -5.98 5.91 21.60
CA SER A 198 -6.28 7.26 22.04
C SER A 198 -7.76 7.59 21.92
N ILE A 199 -8.21 8.54 22.73
CA ILE A 199 -9.50 9.19 22.57
C ILE A 199 -9.24 10.69 22.33
N ASN A 200 -9.95 11.27 21.37
CA ASN A 200 -9.84 12.70 21.06
C ASN A 200 -11.24 13.27 21.00
N TYR A 201 -11.51 14.28 21.81
CA TYR A 201 -12.77 14.96 21.78
C TYR A 201 -12.57 16.42 21.36
N LEU A 202 -13.25 16.83 20.30
CA LEU A 202 -13.16 18.20 19.82
C LEU A 202 -14.22 19.05 20.53
N HIS A 203 -13.77 19.81 21.53
CA HIS A 203 -14.64 20.63 22.38
C HIS A 203 -15.47 21.67 21.62
N PHE A 204 -14.79 22.45 20.77
CA PHE A 204 -15.46 23.49 19.99
C PHE A 204 -14.58 23.91 18.83
N GLY A 205 -15.19 24.58 17.86
CA GLY A 205 -14.46 25.20 16.77
C GLY A 205 -14.63 24.48 15.45
N GLU A 206 -13.70 24.79 14.55
CA GLU A 206 -13.71 24.27 13.18
C GLU A 206 -13.22 22.82 13.16
N PRO A 207 -13.60 22.06 12.13
CA PRO A 207 -13.31 20.63 12.12
C PRO A 207 -11.82 20.26 12.17
N LYS A 208 -11.55 19.04 12.59
CA LYS A 208 -10.22 18.45 12.50
C LYS A 208 -10.34 17.28 11.54
N SER A 209 -9.51 17.30 10.49
CA SER A 209 -9.54 16.20 9.53
C SER A 209 -8.45 15.17 9.81
N TRP A 210 -8.78 13.91 9.60
CA TRP A 210 -7.94 12.78 9.94
C TRP A 210 -7.68 11.88 8.75
N TYR A 211 -6.48 11.32 8.69
CA TYR A 211 -6.14 10.20 7.81
C TYR A 211 -5.74 9.02 8.71
N SER A 212 -6.09 7.80 8.29
CA SER A 212 -5.71 6.59 9.01
C SER A 212 -5.22 5.51 8.05
N VAL A 213 -4.29 4.69 8.52
CA VAL A 213 -3.87 3.50 7.83
C VAL A 213 -4.24 2.34 8.78
N PRO A 214 -4.95 1.32 8.27
CA PRO A 214 -5.28 0.12 9.05
C PRO A 214 -4.05 -0.54 9.67
N PRO A 215 -4.16 -0.97 10.95
CA PRO A 215 -3.09 -1.73 11.61
C PRO A 215 -2.54 -2.88 10.75
N GLU A 216 -3.45 -3.59 10.07
CA GLU A 216 -3.11 -4.64 9.11
C GLU A 216 -2.08 -4.21 8.06
N HIS A 217 -2.01 -2.90 7.80
CA HIS A 217 -1.13 -2.34 6.78
C HIS A 217 -0.07 -1.38 7.31
N GLY A 218 -0.01 -1.26 8.64
CA GLY A 218 0.96 -0.40 9.30
C GLY A 218 2.39 -0.60 8.80
N LYS A 219 2.82 -1.86 8.74
CA LYS A 219 4.18 -2.19 8.34
C LYS A 219 4.44 -1.70 6.93
N ARG A 220 3.43 -1.70 6.09
CA ARG A 220 3.57 -1.21 4.72
C ARG A 220 3.89 0.28 4.69
N LEU A 221 3.14 1.08 5.46
CA LEU A 221 3.45 2.49 5.64
C LEU A 221 4.88 2.77 6.16
N GLU A 222 5.35 2.00 7.14
CA GLU A 222 6.72 2.15 7.73
C GLU A 222 7.81 1.90 6.69
N ARG A 223 7.66 0.82 5.94
CA ARG A 223 8.53 0.47 4.83
C ARG A 223 8.64 1.61 3.80
N LEU A 224 7.52 2.25 3.50
CA LEU A 224 7.53 3.40 2.60
C LEU A 224 8.31 4.60 3.21
N ALA A 225 7.93 4.93 4.46
CA ALA A 225 8.55 5.98 5.24
C ALA A 225 10.06 5.79 5.34
N LYS A 226 10.48 4.56 5.62
CA LYS A 226 11.91 4.22 5.72
C LYS A 226 12.62 4.41 4.40
N GLY A 227 11.95 4.09 3.29
CA GLY A 227 12.48 4.28 1.96
C GLY A 227 12.61 5.74 1.59
N PHE A 228 11.63 6.55 1.98
CA PHE A 228 11.70 7.99 1.71
C PHE A 228 12.63 8.78 2.65
N PHE A 229 12.84 8.28 3.87
CA PHE A 229 13.77 8.92 4.80
C PHE A 229 14.80 7.90 5.31
N PRO A 230 15.75 7.49 4.44
CA PRO A 230 16.70 6.46 4.85
C PRO A 230 17.72 6.94 5.89
N GLY A 231 18.00 8.24 5.92
CA GLY A 231 18.87 8.81 6.95
C GLY A 231 18.24 8.65 8.31
N SER A 232 16.99 9.08 8.42
CA SER A 232 16.19 8.94 9.66
C SER A 232 15.98 7.50 10.15
N ALA A 233 15.89 6.57 9.21
CA ALA A 233 15.72 5.15 9.54
C ALA A 233 17.00 4.54 10.10
N GLN A 234 18.14 5.06 9.67
CA GLN A 234 19.44 4.62 10.18
C GLN A 234 19.65 5.12 11.62
N SER A 235 19.16 6.32 11.91
CA SER A 235 19.38 6.97 13.21
C SER A 235 18.39 6.47 14.26
N CYS A 236 17.20 6.08 13.82
CA CYS A 236 16.18 5.69 14.75
C CYS A 236 15.35 4.50 14.27
N GLU A 237 15.16 3.56 15.20
CA GLU A 237 14.38 2.37 15.00
C GLU A 237 12.90 2.67 14.80
N ALA A 238 12.46 3.84 15.24
CA ALA A 238 11.04 4.19 15.17
C ALA A 238 10.84 5.69 14.94
N PHE A 239 11.40 6.19 13.84
CA PHE A 239 11.50 7.63 13.59
C PHE A 239 10.17 8.35 13.44
N LEU A 240 9.09 7.61 13.14
CA LEU A 240 7.77 8.23 13.00
C LEU A 240 7.23 8.73 14.34
N ARG A 241 7.79 8.21 15.42
CA ARG A 241 7.43 8.61 16.78
C ARG A 241 7.94 10.02 17.11
N HIS A 242 8.83 10.56 16.29
CA HIS A 242 9.24 11.96 16.44
C HIS A 242 8.12 12.90 16.05
N LYS A 243 7.09 12.34 15.41
CA LYS A 243 5.94 13.11 14.92
C LYS A 243 6.35 14.30 14.03
N MET A 244 7.33 14.06 13.16
CA MET A 244 7.78 15.09 12.21
C MET A 244 7.42 14.83 10.74
N THR A 245 6.85 13.66 10.46
CA THR A 245 6.72 13.18 9.07
C THR A 245 5.30 13.30 8.50
N LEU A 246 5.19 14.13 7.48
CA LEU A 246 3.94 14.35 6.76
C LEU A 246 4.03 13.68 5.39
N ILE A 247 2.98 12.94 5.05
CA ILE A 247 2.87 12.18 3.79
C ILE A 247 1.44 12.37 3.30
N SER A 248 1.29 13.01 2.15
CA SER A 248 -0.03 13.29 1.59
C SER A 248 -0.73 12.01 1.16
N PRO A 249 -2.08 12.03 1.14
CA PRO A 249 -2.87 10.87 0.71
C PRO A 249 -2.56 10.44 -0.74
N LEU A 250 -2.24 11.40 -1.62
CA LEU A 250 -1.85 11.09 -3.00
C LEU A 250 -0.52 10.32 -3.08
N MET A 251 0.41 10.64 -2.18
CA MET A 251 1.63 9.88 -2.08
C MET A 251 1.34 8.43 -1.64
N LEU A 252 0.39 8.28 -0.72
CA LEU A 252 0.02 6.92 -0.24
C LEU A 252 -0.69 6.11 -1.33
N LYS A 253 -1.59 6.76 -2.09
CA LYS A 253 -2.27 6.13 -3.22
C LYS A 253 -1.26 5.61 -4.26
N LYS A 254 -0.34 6.49 -4.64
CA LYS A 254 0.78 6.18 -5.52
C LYS A 254 1.57 4.92 -5.14
N TYR A 255 1.72 4.66 -3.85
CA TYR A 255 2.45 3.49 -3.39
C TYR A 255 1.57 2.38 -2.82
N GLY A 256 0.27 2.51 -3.09
CA GLY A 256 -0.72 1.49 -2.78
C GLY A 256 -0.83 1.13 -1.31
N ILE A 257 -0.68 2.13 -0.44
CA ILE A 257 -0.98 1.99 0.97
C ILE A 257 -2.45 2.34 1.23
N PRO A 258 -3.21 1.38 1.78
CA PRO A 258 -4.61 1.67 2.05
C PRO A 258 -4.73 2.65 3.20
N PHE A 259 -5.69 3.53 3.09
CA PHE A 259 -5.91 4.54 4.10
C PHE A 259 -7.34 5.01 3.92
N ASP A 260 -7.86 5.71 4.91
CA ASP A 260 -9.20 6.28 4.86
C ASP A 260 -9.10 7.69 5.46
N LYS A 261 -10.21 8.42 5.38
CA LYS A 261 -10.28 9.82 5.79
C LYS A 261 -11.57 10.03 6.54
N VAL A 262 -11.51 10.92 7.51
CA VAL A 262 -12.69 11.34 8.23
C VAL A 262 -12.45 12.77 8.71
N THR A 263 -13.53 13.54 8.73
CA THR A 263 -13.53 14.86 9.33
C THR A 263 -14.33 14.84 10.62
N GLN A 264 -13.68 15.26 11.70
CA GLN A 264 -14.28 15.33 13.02
C GLN A 264 -14.84 16.74 13.30
N GLU A 265 -16.11 16.81 13.72
CA GLU A 265 -16.77 18.09 14.01
C GLU A 265 -16.75 18.32 15.52
N ALA A 266 -17.10 19.55 15.94
CA ALA A 266 -17.21 19.90 17.35
C ALA A 266 -18.26 19.04 18.02
N GLY A 267 -17.88 18.42 19.12
CA GLY A 267 -18.79 17.53 19.84
C GLY A 267 -18.69 16.07 19.43
N GLU A 268 -17.65 15.73 18.67
CA GLU A 268 -17.45 14.36 18.22
C GLU A 268 -16.16 13.76 18.76
N PHE A 269 -16.23 12.47 19.13
CA PHE A 269 -15.06 11.70 19.58
C PHE A 269 -14.39 10.96 18.44
N MET A 270 -13.06 10.99 18.44
CA MET A 270 -12.28 10.08 17.62
C MET A 270 -11.56 9.10 18.55
N ILE A 271 -11.60 7.82 18.18
CA ILE A 271 -10.82 6.79 18.85
C ILE A 271 -9.79 6.25 17.84
N THR A 272 -8.54 6.19 18.27
CA THR A 272 -7.54 5.48 17.52
C THR A 272 -7.19 4.19 18.27
N PHE A 273 -6.83 3.18 17.51
CA PHE A 273 -6.72 1.83 17.99
C PHE A 273 -5.25 1.46 17.94
N PRO A 274 -4.83 0.45 18.72
CA PRO A 274 -3.42 0.06 18.74
C PRO A 274 -2.82 -0.16 17.37
N TYR A 275 -1.64 0.44 17.15
CA TYR A 275 -0.94 0.31 15.88
C TYR A 275 -1.67 0.91 14.68
N GLY A 276 -2.67 1.75 14.93
CA GLY A 276 -3.31 2.50 13.87
C GLY A 276 -2.58 3.81 13.62
N TYR A 277 -1.81 3.89 12.54
CA TYR A 277 -1.22 5.15 12.06
C TYR A 277 -2.23 6.19 11.62
N HIS A 278 -2.09 7.41 12.16
CA HIS A 278 -2.97 8.51 11.82
C HIS A 278 -2.22 9.83 11.69
N ALA A 279 -2.79 10.73 10.89
CA ALA A 279 -2.24 12.07 10.66
C ALA A 279 -3.43 12.96 10.35
N GLY A 280 -3.19 14.28 10.27
CA GLY A 280 -4.29 15.18 9.98
C GLY A 280 -3.99 16.66 10.16
N PHE A 281 -5.04 17.46 10.09
CA PHE A 281 -4.92 18.90 10.16
C PHE A 281 -6.20 19.51 10.67
N ASN A 282 -6.06 20.69 11.28
CA ASN A 282 -7.19 21.51 11.69
C ASN A 282 -7.62 22.53 10.61
N HIS A 283 -8.94 22.77 10.55
CA HIS A 283 -9.59 23.62 9.55
C HIS A 283 -9.46 25.08 9.93
N GLY A 284 -9.49 25.34 11.22
CA GLY A 284 -9.43 26.69 11.75
C GLY A 284 -9.29 26.60 13.25
N PHE A 285 -9.67 27.67 13.94
CA PHE A 285 -9.61 27.74 15.39
C PHE A 285 -10.52 26.69 16.02
N ASN A 286 -9.94 25.90 16.92
CA ASN A 286 -10.67 24.84 17.60
C ASN A 286 -9.94 24.39 18.85
N CYS A 287 -10.60 23.55 19.63
CA CYS A 287 -10.01 23.02 20.84
C CYS A 287 -10.36 21.54 20.99
N ALA A 288 -9.31 20.73 21.08
CA ALA A 288 -9.46 19.29 21.26
C ALA A 288 -8.84 18.85 22.60
N GLU A 289 -9.38 17.76 23.14
CA GLU A 289 -8.81 17.14 24.33
C GLU A 289 -8.53 15.66 24.05
N SER A 290 -7.36 15.19 24.44
CA SER A 290 -7.05 13.78 24.27
C SER A 290 -6.19 13.16 25.37
N THR A 291 -6.23 11.84 25.40
CA THR A 291 -5.39 11.05 26.28
C THR A 291 -5.29 9.66 25.68
N ASN A 292 -4.43 8.83 26.24
CA ASN A 292 -4.33 7.43 25.83
C ASN A 292 -5.12 6.50 26.76
N PHE A 293 -5.40 5.30 26.29
CA PHE A 293 -6.04 4.30 27.12
C PHE A 293 -5.73 2.93 26.61
N ALA A 294 -6.12 1.92 27.35
CA ALA A 294 -5.76 0.54 27.06
C ALA A 294 -6.96 -0.35 27.25
N THR A 295 -6.90 -1.52 26.63
CA THR A 295 -7.82 -2.62 26.90
C THR A 295 -6.92 -3.83 26.90
N ARG A 296 -7.47 -5.00 27.23
CA ARG A 296 -6.70 -6.24 27.27
C ARG A 296 -6.07 -6.58 25.93
N ARG A 297 -6.76 -6.24 24.85
CA ARG A 297 -6.24 -6.43 23.48
C ARG A 297 -4.99 -5.62 23.19
N TRP A 298 -4.85 -4.44 23.83
CA TRP A 298 -3.61 -3.65 23.71
C TRP A 298 -2.35 -4.39 24.17
N ILE A 299 -2.50 -5.21 25.21
CA ILE A 299 -1.33 -5.77 25.91
C ILE A 299 -0.23 -6.33 25.02
N GLU A 300 -0.62 -7.16 24.05
CA GLU A 300 0.34 -7.76 23.12
C GLU A 300 0.99 -6.72 22.19
N TYR A 301 0.23 -5.70 21.80
CA TYR A 301 0.80 -4.58 21.01
C TYR A 301 1.87 -3.82 21.81
N GLY A 302 1.59 -3.61 23.09
CA GLY A 302 2.53 -2.96 24.01
C GLY A 302 3.79 -3.77 24.16
N LYS A 303 3.66 -5.10 24.13
CA LYS A 303 4.79 -6.01 24.33
C LYS A 303 5.70 -5.95 23.12
N GLN A 304 5.10 -5.75 21.95
CA GLN A 304 5.82 -5.79 20.68
C GLN A 304 6.12 -4.39 20.10
N ALA A 305 5.74 -3.33 20.79
CA ALA A 305 5.89 -1.95 20.24
C ALA A 305 7.33 -1.60 20.01
N VAL A 306 7.64 -1.06 18.83
CA VAL A 306 9.01 -0.69 18.52
C VAL A 306 9.16 0.78 18.89
N LEU A 307 10.11 1.06 19.77
CA LEU A 307 10.21 2.35 20.45
C LEU A 307 11.38 3.17 19.91
N CYS A 308 11.26 4.48 20.02
CA CYS A 308 12.28 5.38 19.52
C CYS A 308 13.57 5.10 20.27
N SER A 309 14.63 4.90 19.49
CA SER A 309 15.95 4.51 20.00
C SER A 309 16.99 5.64 20.16
N CYS A 310 16.59 6.89 19.95
CA CYS A 310 17.58 7.97 19.82
C CYS A 310 17.33 9.20 20.70
N ARG A 311 16.26 9.18 21.49
CA ARG A 311 15.90 10.27 22.39
C ARG A 311 15.64 9.66 23.74
N LYS A 312 16.02 10.37 24.80
CA LYS A 312 15.93 9.82 26.17
C LYS A 312 14.58 10.08 26.86
N ASP A 313 13.82 11.08 26.35
CA ASP A 313 12.55 11.51 26.95
C ASP A 313 11.30 10.78 26.43
N MET A 314 11.52 9.74 25.63
CA MET A 314 10.44 9.05 24.95
C MET A 314 9.63 8.18 25.92
N VAL A 315 8.34 8.02 25.61
CA VAL A 315 7.42 7.24 26.45
C VAL A 315 7.67 5.71 26.42
N LYS A 316 7.92 5.15 27.60
CA LYS A 316 8.31 3.77 27.77
C LYS A 316 7.58 3.19 28.97
N ILE A 317 6.61 2.31 28.72
CA ILE A 317 5.87 1.67 29.79
C ILE A 317 6.37 0.25 30.02
N SER A 318 6.65 -0.06 31.28
CA SER A 318 6.95 -1.43 31.72
C SER A 318 5.71 -2.31 31.49
N MET A 319 5.89 -3.39 30.72
CA MET A 319 4.78 -4.27 30.35
C MET A 319 4.58 -5.33 31.40
N ASP A 320 5.56 -5.44 32.29
CA ASP A 320 5.65 -6.47 33.32
C ASP A 320 4.32 -6.73 34.04
N VAL A 321 3.72 -5.66 34.55
CA VAL A 321 2.50 -5.76 35.36
C VAL A 321 1.32 -6.25 34.54
N PHE A 322 1.29 -5.90 33.27
CA PHE A 322 0.20 -6.33 32.39
C PHE A 322 0.28 -7.82 32.04
N VAL A 323 1.50 -8.32 31.82
CA VAL A 323 1.73 -9.69 31.42
C VAL A 323 1.47 -10.55 32.65
N ARG A 324 2.00 -10.12 33.78
CA ARG A 324 1.79 -10.79 35.04
C ARG A 324 0.31 -10.97 35.33
N LYS A 325 -0.43 -9.88 35.29
CA LYS A 325 -1.84 -9.87 35.64
C LYS A 325 -2.75 -10.56 34.60
N PHE A 326 -2.55 -10.26 33.31
CA PHE A 326 -3.49 -10.71 32.27
C PHE A 326 -3.00 -11.83 31.35
N GLN A 327 -1.70 -12.17 31.46
CA GLN A 327 -1.13 -13.29 30.69
C GLN A 327 -0.22 -14.14 31.56
N PRO A 328 -0.74 -14.66 32.71
CA PRO A 328 0.11 -15.42 33.64
C PRO A 328 0.75 -16.68 33.06
N GLU A 329 0.13 -17.29 32.04
CA GLU A 329 0.70 -18.50 31.39
C GLU A 329 2.02 -18.16 30.75
N ARG A 330 2.11 -16.91 30.30
CA ARG A 330 3.15 -16.49 29.38
C ARG A 330 4.22 -15.61 30.00
N TYR A 331 4.06 -15.27 31.28
CA TYR A 331 5.00 -14.41 31.94
C TYR A 331 6.45 -14.97 31.90
N LYS A 332 6.65 -16.19 32.40
CA LYS A 332 7.97 -16.82 32.43
C LYS A 332 8.62 -16.96 31.05
N LEU A 333 7.79 -17.28 30.04
CA LEU A 333 8.22 -17.35 28.65
C LEU A 333 8.62 -16.00 28.09
N TRP A 334 7.79 -15.00 28.36
CA TRP A 334 8.02 -13.63 27.90
C TRP A 334 9.29 -13.05 28.53
N LYS A 335 9.45 -13.26 29.83
CA LYS A 335 10.58 -12.74 30.56
C LYS A 335 11.91 -13.32 30.06
N ALA A 336 11.89 -14.59 29.64
CA ALA A 336 13.06 -15.23 29.05
C ALA A 336 13.20 -14.98 27.53
N GLY A 337 12.42 -14.03 27.01
CA GLY A 337 12.44 -13.67 25.59
C GLY A 337 12.03 -14.75 24.57
N LYS A 338 11.31 -15.78 25.02
CA LYS A 338 10.87 -16.88 24.14
C LYS A 338 9.38 -16.83 23.75
N ASP A 339 8.72 -15.69 23.98
CA ASP A 339 7.29 -15.56 23.67
C ASP A 339 7.09 -15.12 22.20
N ASN A 340 6.57 -16.04 21.39
CA ASN A 340 6.47 -15.85 19.95
C ASN A 340 5.07 -15.54 19.44
N THR A 341 4.22 -14.98 20.29
CA THR A 341 2.85 -14.63 19.90
C THR A 341 2.82 -13.69 18.70
N VAL A 342 2.08 -14.10 17.67
CA VAL A 342 1.86 -13.25 16.50
C VAL A 342 0.52 -12.58 16.75
N ILE A 343 0.45 -11.27 16.50
CA ILE A 343 -0.82 -10.51 16.62
C ILE A 343 -1.71 -10.67 15.39
N ASP A 344 -2.98 -11.00 15.63
CA ASP A 344 -4.04 -10.93 14.63
C ASP A 344 -4.78 -9.60 14.83
N HIS A 345 -4.62 -8.68 13.87
CA HIS A 345 -5.15 -7.31 13.97
C HIS A 345 -6.68 -7.21 13.86
N THR A 346 -7.31 -8.27 13.38
CA THR A 346 -8.77 -8.33 13.22
C THR A 346 -9.51 -8.82 14.48
N LEU A 347 -8.82 -9.62 15.30
CA LEU A 347 -9.38 -10.21 16.52
C LEU A 347 -9.77 -9.13 17.56
N PRO A 348 -10.94 -9.28 18.23
CA PRO A 348 -11.36 -8.38 19.32
C PRO A 348 -11.06 -8.89 20.77
N THR A 349 -11.29 -8.01 21.76
CA THR A 349 -11.20 -8.28 23.25
C THR A 349 -9.89 -7.80 23.96
N ASN B 11 15.36 4.09 -3.52
CA ASN B 11 14.42 3.02 -3.08
C ASN B 11 13.05 3.18 -3.72
N PRO B 12 12.20 4.02 -3.12
CA PRO B 12 10.83 4.28 -3.59
C PRO B 12 10.74 4.84 -5.01
N SER B 13 11.84 5.41 -5.52
CA SER B 13 11.87 5.89 -6.92
C SER B 13 12.02 4.72 -7.86
N ALA B 14 12.35 3.54 -7.31
CA ALA B 14 12.33 2.27 -8.04
C ALA B 14 11.37 1.26 -7.41
N ARG B 15 10.38 1.76 -6.66
CA ARG B 15 9.32 0.92 -6.09
C ARG B 15 8.05 0.98 -6.92
N ILE B 16 7.30 -0.12 -6.98
CA ILE B 16 6.09 -0.23 -7.82
C ILE B 16 5.07 0.88 -7.53
N MET B 17 4.75 1.69 -8.55
CA MET B 17 3.75 2.75 -8.37
C MET B 17 2.40 2.35 -8.95
N THR B 18 1.35 2.94 -8.39
CA THR B 18 -0.02 2.74 -8.79
C THR B 18 -0.55 4.10 -9.23
N PHE B 19 -1.30 4.10 -10.33
CA PHE B 19 -1.84 5.32 -10.93
C PHE B 19 -3.35 5.24 -11.08
N TYR B 20 -4.01 6.39 -11.00
CA TYR B 20 -5.47 6.47 -11.06
C TYR B 20 -5.92 7.50 -12.11
N PRO B 21 -5.78 7.17 -13.41
CA PRO B 21 -6.19 8.15 -14.42
C PRO B 21 -7.68 8.49 -14.35
N THR B 22 -8.01 9.73 -14.73
CA THR B 22 -9.37 10.12 -15.04
C THR B 22 -9.69 9.61 -16.44
N MET B 23 -10.96 9.68 -16.87
CA MET B 23 -11.33 9.31 -18.23
C MET B 23 -10.56 10.05 -19.33
N GLU B 24 -10.33 11.36 -19.13
CA GLU B 24 -9.53 12.17 -20.05
C GLU B 24 -8.09 11.66 -20.22
N GLU B 25 -7.48 11.20 -19.13
CA GLU B 25 -6.09 10.74 -19.19
C GLU B 25 -6.03 9.32 -19.73
N PHE B 26 -7.14 8.60 -19.56
CA PHE B 26 -7.23 7.18 -19.91
C PHE B 26 -7.46 6.91 -21.41
N ARG B 27 -7.95 7.91 -22.13
CA ARG B 27 -8.35 7.70 -23.51
C ARG B 27 -7.17 7.51 -24.45
N ASN B 28 -6.09 8.22 -24.19
CA ASN B 28 -4.88 8.13 -25.00
C ASN B 28 -3.83 7.25 -24.30
N PHE B 29 -3.74 6.00 -24.73
CA PHE B 29 -2.94 4.98 -24.06
C PHE B 29 -1.44 5.29 -24.06
N SER B 30 -0.92 5.67 -25.22
CA SER B 30 0.50 5.95 -25.36
C SER B 30 0.94 7.20 -24.62
N ARG B 31 0.05 8.19 -24.54
CA ARG B 31 0.34 9.43 -23.81
C ARG B 31 0.34 9.17 -22.30
N TYR B 32 -0.54 8.28 -21.83
CA TYR B 32 -0.59 7.97 -20.40
C TYR B 32 0.61 7.14 -19.95
N ILE B 33 1.04 6.20 -20.79
CA ILE B 33 2.32 5.50 -20.58
C ILE B 33 3.48 6.49 -20.50
N ALA B 34 3.54 7.43 -21.43
CA ALA B 34 4.56 8.48 -21.39
C ALA B 34 4.51 9.29 -20.09
N TYR B 35 3.29 9.55 -19.59
CA TYR B 35 3.08 10.28 -18.34
C TYR B 35 3.52 9.51 -17.08
N ILE B 36 3.11 8.26 -16.95
CA ILE B 36 3.57 7.45 -15.80
C ILE B 36 5.08 7.25 -15.78
N GLU B 37 5.72 7.16 -16.95
CA GLU B 37 7.19 7.16 -17.04
C GLU B 37 7.82 8.49 -16.60
N SER B 38 7.14 9.61 -16.87
CA SER B 38 7.60 10.91 -16.42
C SER B 38 7.51 11.03 -14.89
N GLN B 39 6.66 10.19 -14.29
CA GLN B 39 6.54 10.07 -12.83
C GLN B 39 7.44 8.98 -12.22
N GLY B 40 8.21 8.30 -13.08
CA GLY B 40 9.21 7.34 -12.63
C GLY B 40 8.76 5.90 -12.60
N ALA B 41 7.58 5.61 -13.15
CA ALA B 41 7.00 4.26 -13.08
C ALA B 41 7.87 3.14 -13.66
N HIS B 42 8.68 3.47 -14.66
CA HIS B 42 9.50 2.46 -15.36
C HIS B 42 10.62 1.90 -14.50
N ARG B 43 11.10 2.71 -13.56
CA ARG B 43 12.25 2.36 -12.73
C ARG B 43 12.09 1.01 -12.00
N ALA B 44 10.86 0.72 -11.56
CA ALA B 44 10.50 -0.52 -10.85
C ALA B 44 10.36 -1.70 -11.78
N GLY B 45 10.08 -1.41 -13.06
CA GLY B 45 9.89 -2.42 -14.10
C GLY B 45 8.45 -2.89 -14.21
N LEU B 46 7.60 -2.43 -13.29
CA LEU B 46 6.20 -2.83 -13.18
C LEU B 46 5.44 -1.70 -12.53
N ALA B 47 4.26 -1.37 -13.06
CA ALA B 47 3.38 -0.37 -12.47
C ALA B 47 1.93 -0.83 -12.55
N LYS B 48 1.10 -0.33 -11.64
CA LYS B 48 -0.32 -0.63 -11.68
C LYS B 48 -1.10 0.60 -12.10
N VAL B 49 -2.09 0.39 -12.95
CA VAL B 49 -3.03 1.43 -13.34
C VAL B 49 -4.44 0.96 -12.98
N VAL B 50 -5.16 1.77 -12.19
CA VAL B 50 -6.55 1.50 -11.89
C VAL B 50 -7.41 2.35 -12.82
N PRO B 51 -8.22 1.69 -13.68
CA PRO B 51 -9.01 2.45 -14.66
C PRO B 51 -10.13 3.24 -13.98
N PRO B 52 -10.63 4.29 -14.63
CA PRO B 52 -11.76 5.04 -14.05
C PRO B 52 -12.94 4.11 -13.87
N LYS B 53 -13.74 4.33 -12.83
CA LYS B 53 -14.89 3.49 -12.55
C LYS B 53 -15.98 3.55 -13.64
N GLU B 54 -15.98 4.60 -14.44
CA GLU B 54 -16.89 4.73 -15.60
C GLU B 54 -16.57 3.72 -16.73
N TRP B 55 -15.39 3.09 -16.65
CA TRP B 55 -14.88 2.24 -17.72
C TRP B 55 -15.02 0.75 -17.42
N LYS B 56 -15.50 0.00 -18.42
CA LYS B 56 -15.62 -1.46 -18.39
C LYS B 56 -15.31 -1.99 -19.81
N PRO B 57 -14.43 -3.00 -19.92
CA PRO B 57 -14.14 -3.55 -21.24
C PRO B 57 -15.23 -4.48 -21.78
N ARG B 58 -16.07 -4.98 -20.88
CA ARG B 58 -17.12 -5.94 -21.18
C ARG B 58 -18.26 -5.75 -20.19
N ALA B 59 -19.50 -5.98 -20.65
CA ALA B 59 -20.68 -5.82 -19.80
C ALA B 59 -20.84 -6.96 -18.80
N SER B 60 -20.52 -8.18 -19.20
CA SER B 60 -20.74 -9.39 -18.38
C SER B 60 -19.79 -10.52 -18.82
N TYR B 61 -19.44 -11.41 -17.89
CA TYR B 61 -18.62 -12.58 -18.23
C TYR B 61 -19.42 -13.89 -18.15
N ASP B 62 -20.74 -13.79 -18.29
CA ASP B 62 -21.62 -14.94 -18.11
C ASP B 62 -21.89 -15.68 -19.44
N ASP B 63 -21.21 -15.26 -20.50
CA ASP B 63 -21.44 -15.80 -21.85
C ASP B 63 -20.19 -16.44 -22.48
N ILE B 64 -19.23 -16.83 -21.64
CA ILE B 64 -17.94 -17.35 -22.12
C ILE B 64 -17.63 -18.80 -21.72
N ASP B 65 -18.57 -19.47 -21.07
CA ASP B 65 -18.33 -20.83 -20.58
C ASP B 65 -18.06 -21.85 -21.68
N ASP B 66 -18.61 -21.61 -22.88
CA ASP B 66 -18.38 -22.47 -24.04
C ASP B 66 -17.00 -22.26 -24.67
N LEU B 67 -16.31 -21.18 -24.29
CA LEU B 67 -15.00 -20.83 -24.83
C LEU B 67 -14.02 -21.98 -24.59
N VAL B 68 -13.22 -22.24 -25.63
CA VAL B 68 -12.30 -23.38 -25.61
C VAL B 68 -10.91 -22.92 -25.23
N ILE B 69 -10.35 -23.62 -24.23
CA ILE B 69 -8.94 -23.48 -23.82
C ILE B 69 -8.22 -24.65 -24.53
N PRO B 70 -7.58 -24.36 -25.68
CA PRO B 70 -7.12 -25.44 -26.57
C PRO B 70 -5.95 -26.27 -26.04
N ALA B 71 -5.14 -25.68 -25.17
CA ALA B 71 -3.94 -26.35 -24.66
C ALA B 71 -3.67 -26.04 -23.19
N PRO B 72 -4.50 -26.59 -22.27
CA PRO B 72 -4.27 -26.40 -20.83
C PRO B 72 -2.90 -26.94 -20.46
N ILE B 73 -2.36 -26.49 -19.34
CA ILE B 73 -0.99 -26.83 -18.97
C ILE B 73 -0.87 -27.18 -17.49
N GLN B 74 -0.44 -28.41 -17.21
CA GLN B 74 -0.15 -28.80 -15.86
C GLN B 74 1.26 -28.40 -15.49
N GLN B 75 1.40 -27.73 -14.34
CA GLN B 75 2.65 -27.11 -13.90
C GLN B 75 3.39 -27.95 -12.85
N LEU B 76 4.30 -28.78 -13.34
CA LEU B 76 5.16 -29.63 -12.53
C LEU B 76 6.41 -28.86 -12.14
N VAL B 77 6.65 -28.74 -10.83
CA VAL B 77 7.75 -27.94 -10.28
C VAL B 77 8.66 -28.85 -9.47
N THR B 78 9.94 -28.84 -9.80
CA THR B 78 10.96 -29.56 -9.04
C THR B 78 11.94 -28.52 -8.50
N GLY B 79 12.36 -28.69 -7.25
CA GLY B 79 13.37 -27.80 -6.68
C GLY B 79 13.41 -27.82 -5.18
N GLN B 80 14.30 -26.99 -4.63
CA GLN B 80 14.48 -26.86 -3.17
C GLN B 80 15.18 -25.53 -2.88
N SER B 81 15.17 -25.11 -1.62
CA SER B 81 15.85 -23.90 -1.13
C SER B 81 15.56 -22.66 -1.98
N GLY B 82 14.29 -22.46 -2.35
CA GLY B 82 13.84 -21.27 -3.05
C GLY B 82 14.13 -21.25 -4.54
N LEU B 83 14.78 -22.31 -5.05
CA LEU B 83 15.16 -22.43 -6.45
C LEU B 83 14.40 -23.55 -7.13
N PHE B 84 13.62 -23.22 -8.16
CA PHE B 84 12.76 -24.22 -8.82
C PHE B 84 12.81 -24.16 -10.34
N THR B 85 12.51 -25.30 -10.96
CA THR B 85 12.32 -25.43 -12.39
C THR B 85 10.90 -25.91 -12.62
N GLN B 86 10.17 -25.19 -13.48
CA GLN B 86 8.80 -25.48 -13.82
C GLN B 86 8.66 -26.18 -15.19
N TYR B 87 8.07 -27.39 -15.18
CA TYR B 87 7.81 -28.16 -16.39
C TYR B 87 6.33 -28.09 -16.71
N ASN B 88 6.02 -27.54 -17.87
CA ASN B 88 4.62 -27.28 -18.24
C ASN B 88 4.13 -28.36 -19.19
N ILE B 89 3.30 -29.28 -18.68
CA ILE B 89 2.76 -30.40 -19.46
C ILE B 89 1.43 -30.05 -20.11
N GLN B 90 1.40 -30.10 -21.45
CA GLN B 90 0.16 -29.88 -22.20
C GLN B 90 -0.85 -30.99 -21.91
N LYS B 91 -2.03 -30.58 -21.48
CA LYS B 91 -3.13 -31.48 -21.23
C LYS B 91 -4.21 -31.35 -22.31
N LYS B 92 -5.21 -32.23 -22.27
CA LYS B 92 -6.28 -32.20 -23.28
C LYS B 92 -7.14 -30.93 -23.15
N ALA B 93 -7.72 -30.51 -24.27
CA ALA B 93 -8.55 -29.31 -24.35
C ALA B 93 -9.75 -29.36 -23.42
N MET B 94 -10.13 -28.19 -22.92
CA MET B 94 -11.30 -28.08 -22.07
C MET B 94 -11.98 -26.70 -22.23
N THR B 95 -13.32 -26.70 -21.95
CA THR B 95 -14.10 -25.45 -21.88
C THR B 95 -13.75 -24.66 -20.61
N VAL B 96 -14.06 -23.35 -20.63
CA VAL B 96 -13.84 -22.46 -19.47
C VAL B 96 -14.64 -22.98 -18.27
N ARG B 97 -15.85 -23.47 -18.56
CA ARG B 97 -16.72 -24.10 -17.59
C ARG B 97 -16.07 -25.30 -16.90
N GLU B 98 -15.48 -26.18 -17.73
CA GLU B 98 -14.72 -27.35 -17.28
C GLU B 98 -13.53 -26.96 -16.41
N PHE B 99 -12.87 -25.86 -16.77
CA PHE B 99 -11.70 -25.37 -16.05
C PHE B 99 -12.08 -24.75 -14.70
N ARG B 100 -13.10 -23.88 -14.74
CA ARG B 100 -13.67 -23.22 -13.57
C ARG B 100 -14.08 -24.22 -12.51
N LYS B 101 -14.61 -25.37 -12.93
CA LYS B 101 -15.00 -26.44 -12.02
C LYS B 101 -13.82 -27.11 -11.31
N ILE B 102 -12.77 -27.43 -12.06
CA ILE B 102 -11.55 -28.00 -11.46
C ILE B 102 -10.87 -26.97 -10.54
N ALA B 103 -10.81 -25.71 -10.98
CA ALA B 103 -10.25 -24.59 -10.20
C ALA B 103 -11.00 -24.37 -8.89
N ASN B 104 -12.34 -24.29 -8.97
CA ASN B 104 -13.19 -24.10 -7.80
C ASN B 104 -13.39 -25.35 -6.96
N SER B 105 -12.94 -26.50 -7.49
CA SER B 105 -13.06 -27.78 -6.77
C SER B 105 -12.14 -27.82 -5.55
N ASP B 106 -12.44 -28.73 -4.63
CA ASP B 106 -11.79 -28.76 -3.32
C ASP B 106 -10.31 -29.09 -3.37
N LYS B 107 -9.92 -29.90 -4.35
CA LYS B 107 -8.54 -30.30 -4.51
C LYS B 107 -7.63 -29.13 -4.94
N TYR B 108 -8.17 -28.21 -5.75
CA TYR B 108 -7.36 -27.17 -6.38
C TYR B 108 -7.65 -25.73 -5.93
N CYS B 109 -8.67 -25.53 -5.10
CA CYS B 109 -9.02 -24.17 -4.67
C CYS B 109 -8.05 -23.58 -3.65
N THR B 110 -8.14 -22.27 -3.47
CA THR B 110 -7.30 -21.52 -2.56
C THR B 110 -7.44 -22.03 -1.13
N PRO B 111 -6.32 -22.27 -0.44
CA PRO B 111 -6.35 -22.60 0.98
C PRO B 111 -6.78 -21.40 1.86
N ARG B 112 -7.15 -21.68 3.11
CA ARG B 112 -7.52 -20.63 4.04
C ARG B 112 -6.32 -19.73 4.30
N TYR B 113 -6.59 -18.43 4.36
CA TYR B 113 -5.59 -17.42 4.69
C TYR B 113 -6.27 -16.18 5.24
N SER B 114 -5.47 -15.24 5.76
CA SER B 114 -6.01 -14.04 6.38
C SER B 114 -5.34 -12.79 5.82
N GLU B 115 -4.01 -12.84 5.76
CA GLU B 115 -3.20 -11.81 5.14
C GLU B 115 -2.49 -12.44 3.96
N PHE B 116 -2.05 -11.62 3.01
CA PHE B 116 -1.34 -12.13 1.83
C PHE B 116 -0.01 -12.81 2.15
N GLU B 117 0.75 -12.26 3.09
CA GLU B 117 1.96 -12.92 3.57
C GLU B 117 1.75 -14.41 3.84
N GLU B 118 0.61 -14.77 4.45
CA GLU B 118 0.26 -16.15 4.74
C GLU B 118 0.10 -16.96 3.45
N LEU B 119 -0.68 -16.43 2.51
CA LEU B 119 -0.90 -17.08 1.23
C LEU B 119 0.39 -17.17 0.39
N GLU B 120 1.25 -16.17 0.51
CA GLU B 120 2.56 -16.16 -0.13
C GLU B 120 3.45 -17.25 0.45
N ARG B 121 3.43 -17.41 1.77
CA ARG B 121 4.14 -18.49 2.43
C ARG B 121 3.66 -19.88 1.99
N LYS B 122 2.33 -20.03 1.86
CA LYS B 122 1.73 -21.29 1.44
C LYS B 122 2.03 -21.58 -0.01
N TYR B 123 2.18 -20.53 -0.82
CA TYR B 123 2.64 -20.68 -2.20
C TYR B 123 4.06 -21.26 -2.29
N TRP B 124 5.01 -20.62 -1.61
CA TRP B 124 6.42 -21.03 -1.66
C TRP B 124 6.73 -22.34 -0.98
N LYS B 125 5.89 -22.71 0.00
CA LYS B 125 6.01 -23.99 0.70
C LYS B 125 5.44 -25.16 -0.10
N ASN B 126 4.39 -24.91 -0.86
CA ASN B 126 3.57 -25.97 -1.49
C ASN B 126 3.68 -26.04 -3.01
N LEU B 127 4.51 -25.14 -3.55
CA LEU B 127 4.80 -24.97 -4.99
C LEU B 127 4.99 -26.28 -5.75
N THR B 128 5.64 -27.25 -5.10
CA THR B 128 6.02 -28.49 -5.77
C THR B 128 5.02 -29.63 -5.55
N PHE B 129 3.97 -29.37 -4.75
CA PHE B 129 2.92 -30.37 -4.50
C PHE B 129 1.66 -30.05 -5.29
N ASN B 130 0.89 -31.10 -5.62
CA ASN B 130 -0.43 -30.97 -6.27
C ASN B 130 -0.39 -30.03 -7.49
N PRO B 131 0.30 -30.44 -8.58
CA PRO B 131 0.52 -29.52 -9.69
C PRO B 131 -0.80 -28.99 -10.28
N PRO B 132 -0.94 -27.66 -10.41
CA PRO B 132 -2.18 -27.12 -10.90
C PRO B 132 -2.20 -27.10 -12.43
N ILE B 133 -3.32 -26.63 -12.97
CA ILE B 133 -3.56 -26.53 -14.39
C ILE B 133 -3.78 -25.05 -14.70
N TYR B 134 -3.02 -24.56 -15.67
CA TYR B 134 -3.05 -23.16 -16.07
C TYR B 134 -3.62 -23.12 -17.49
N GLY B 135 -4.78 -22.51 -17.66
CA GLY B 135 -5.33 -22.27 -19.00
C GLY B 135 -4.60 -21.11 -19.64
N ALA B 136 -3.33 -21.32 -19.95
CA ALA B 136 -2.41 -20.26 -20.38
C ALA B 136 -2.37 -20.10 -21.89
N ASP B 137 -1.96 -18.91 -22.34
CA ASP B 137 -1.66 -18.61 -23.75
C ASP B 137 -2.81 -18.92 -24.70
N VAL B 138 -4.02 -18.59 -24.28
CA VAL B 138 -5.21 -18.80 -25.11
C VAL B 138 -5.40 -17.59 -26.03
N ASN B 139 -5.34 -17.81 -27.34
CA ASN B 139 -5.57 -16.74 -28.31
C ASN B 139 -6.98 -16.17 -28.15
N GLY B 140 -7.07 -14.85 -27.94
CA GLY B 140 -8.37 -14.17 -27.95
C GLY B 140 -8.46 -12.97 -27.02
N THR B 141 -9.52 -12.18 -27.20
CA THR B 141 -9.76 -10.97 -26.39
C THR B 141 -11.12 -11.14 -25.70
N LEU B 142 -11.29 -10.63 -24.48
CA LEU B 142 -12.64 -10.58 -23.88
C LEU B 142 -13.28 -9.19 -23.93
N TYR B 143 -12.61 -8.27 -24.60
CA TYR B 143 -13.14 -6.93 -24.79
C TYR B 143 -14.23 -7.01 -25.84
N GLU B 144 -15.31 -6.26 -25.62
CA GLU B 144 -16.32 -6.12 -26.65
C GLU B 144 -15.73 -5.15 -27.67
N LYS B 145 -16.11 -5.33 -28.94
CA LYS B 145 -15.49 -4.64 -30.07
C LYS B 145 -15.57 -3.12 -29.99
N HIS B 146 -16.59 -2.62 -29.29
CA HIS B 146 -16.88 -1.19 -29.22
C HIS B 146 -15.94 -0.37 -28.31
N VAL B 147 -15.09 -1.06 -27.53
CA VAL B 147 -14.21 -0.42 -26.53
C VAL B 147 -12.91 0.15 -27.12
N ASP B 148 -12.77 1.48 -27.06
CA ASP B 148 -11.68 2.21 -27.70
C ASP B 148 -10.53 2.57 -26.76
N GLU B 149 -10.77 2.47 -25.45
CA GLU B 149 -9.77 2.87 -24.45
C GLU B 149 -9.11 1.64 -23.85
N TRP B 150 -7.78 1.62 -23.91
CA TRP B 150 -6.94 0.51 -23.39
C TRP B 150 -7.39 -0.87 -23.86
N ASN B 151 -7.74 -0.96 -25.15
CA ASN B 151 -8.16 -2.21 -25.74
C ASN B 151 -6.93 -3.00 -26.14
N ILE B 152 -6.64 -4.02 -25.33
CA ILE B 152 -5.46 -4.87 -25.48
C ILE B 152 -5.25 -5.45 -26.89
N GLY B 153 -6.35 -5.70 -27.60
CA GLY B 153 -6.33 -6.17 -29.00
C GLY B 153 -5.92 -5.14 -30.04
N ARG B 154 -5.84 -3.86 -29.65
CA ARG B 154 -5.48 -2.77 -30.58
C ARG B 154 -5.06 -1.49 -29.85
N LEU B 155 -3.81 -1.45 -29.38
CA LEU B 155 -3.36 -0.34 -28.54
C LEU B 155 -2.83 0.86 -29.34
N ARG B 156 -2.53 0.65 -30.61
CA ARG B 156 -2.01 1.71 -31.50
C ARG B 156 -0.60 2.17 -31.12
N THR B 157 0.23 1.24 -30.65
CA THR B 157 1.62 1.58 -30.37
C THR B 157 2.46 1.40 -31.65
N ILE B 158 3.71 1.84 -31.61
CA ILE B 158 4.64 1.67 -32.73
C ILE B 158 5.03 0.21 -32.98
N LEU B 159 4.56 -0.70 -32.13
CA LEU B 159 4.77 -2.13 -32.34
C LEU B 159 3.97 -2.66 -33.54
N ASP B 160 2.93 -1.92 -33.92
CA ASP B 160 2.15 -2.19 -35.15
C ASP B 160 2.99 -2.19 -36.42
N LEU B 161 4.13 -1.48 -36.39
CA LEU B 161 5.07 -1.45 -37.51
C LEU B 161 5.58 -2.83 -37.90
N VAL B 162 5.50 -3.79 -36.98
CA VAL B 162 5.80 -5.20 -37.26
C VAL B 162 4.68 -5.81 -38.12
N GLU B 163 3.44 -5.39 -37.87
CA GLU B 163 2.28 -5.92 -38.61
C GLU B 163 1.90 -5.07 -39.83
N LYS B 164 1.93 -3.74 -39.68
CA LYS B 164 1.56 -2.83 -40.75
C LYS B 164 2.58 -2.79 -41.89
N GLU B 165 3.87 -2.84 -41.53
CA GLU B 165 4.95 -2.81 -42.52
C GLU B 165 5.52 -4.18 -42.91
N SER B 166 5.67 -5.07 -41.93
CA SER B 166 6.23 -6.40 -42.17
C SER B 166 5.15 -7.41 -42.59
N GLY B 167 3.92 -7.18 -42.15
CA GLY B 167 2.80 -8.07 -42.42
C GLY B 167 2.93 -9.38 -41.64
N ILE B 168 3.36 -9.27 -40.39
CA ILE B 168 3.72 -10.44 -39.57
C ILE B 168 2.99 -10.46 -38.23
N THR B 169 2.32 -11.57 -37.95
CA THR B 169 1.58 -11.79 -36.72
C THR B 169 2.38 -12.67 -35.74
N ILE B 170 2.68 -12.11 -34.58
CA ILE B 170 3.30 -12.86 -33.49
C ILE B 170 2.27 -13.04 -32.40
N GLU B 171 1.66 -14.22 -32.35
CA GLU B 171 0.57 -14.47 -31.40
C GLU B 171 0.98 -14.28 -29.93
N GLY B 172 0.23 -13.45 -29.22
CA GLY B 172 0.55 -13.04 -27.84
C GLY B 172 1.50 -11.85 -27.73
N VAL B 173 2.20 -11.54 -28.82
CA VAL B 173 3.11 -10.40 -28.87
C VAL B 173 2.40 -9.18 -29.44
N ASN B 174 1.93 -9.26 -30.70
CA ASN B 174 1.03 -8.21 -31.23
C ASN B 174 -0.44 -8.64 -31.33
N THR B 175 -0.75 -9.81 -30.77
CA THR B 175 -2.15 -10.22 -30.60
C THR B 175 -2.41 -10.50 -29.12
N PRO B 176 -3.69 -10.42 -28.68
CA PRO B 176 -3.98 -10.68 -27.27
C PRO B 176 -4.04 -12.16 -26.94
N TYR B 177 -3.60 -12.49 -25.73
CA TYR B 177 -3.67 -13.83 -25.13
C TYR B 177 -4.54 -13.79 -23.86
N LEU B 178 -5.24 -14.89 -23.59
CA LEU B 178 -6.02 -15.00 -22.37
C LEU B 178 -5.38 -15.98 -21.43
N TYR B 179 -5.49 -15.71 -20.14
CA TYR B 179 -4.90 -16.53 -19.11
C TYR B 179 -5.95 -16.89 -18.06
N PHE B 180 -6.38 -18.14 -18.06
CA PHE B 180 -7.25 -18.68 -17.01
C PHE B 180 -6.42 -19.35 -15.95
N GLY B 181 -6.43 -18.79 -14.75
CA GLY B 181 -5.63 -19.32 -13.65
C GLY B 181 -6.44 -20.03 -12.59
N MET B 182 -5.73 -20.77 -11.76
CA MET B 182 -6.27 -21.32 -10.54
C MET B 182 -5.21 -21.10 -9.47
N TRP B 183 -5.53 -21.48 -8.24
CA TRP B 183 -4.63 -21.32 -7.12
C TRP B 183 -3.29 -21.95 -7.44
N LYS B 184 -2.22 -21.16 -7.29
CA LYS B 184 -0.84 -21.66 -7.35
C LYS B 184 -0.31 -21.81 -8.76
N THR B 185 -1.07 -21.38 -9.77
CA THR B 185 -0.53 -21.31 -11.11
C THR B 185 0.43 -20.14 -11.11
N SER B 186 1.54 -20.31 -11.83
CA SER B 186 2.55 -19.32 -11.75
C SER B 186 3.21 -18.99 -13.07
N PHE B 187 3.79 -17.79 -13.11
CA PHE B 187 4.61 -17.38 -14.22
C PHE B 187 6.05 -17.16 -13.73
N ALA B 188 6.98 -17.77 -14.45
CA ALA B 188 8.38 -17.80 -14.06
C ALA B 188 9.05 -16.46 -14.34
N TRP B 189 10.24 -16.26 -13.79
CA TRP B 189 11.02 -15.03 -13.99
C TRP B 189 11.38 -14.78 -15.42
N HIS B 190 11.01 -13.61 -15.96
CA HIS B 190 11.30 -13.31 -17.35
C HIS B 190 11.11 -11.84 -17.58
N THR B 191 11.77 -11.35 -18.62
CA THR B 191 11.36 -10.12 -19.27
C THR B 191 10.52 -10.50 -20.51
N GLU B 192 9.89 -9.50 -21.14
CA GLU B 192 9.10 -9.73 -22.34
C GLU B 192 9.98 -10.14 -23.51
N ASP B 193 9.39 -10.82 -24.51
CA ASP B 193 10.10 -11.06 -25.76
C ASP B 193 10.62 -9.72 -26.28
N MET B 194 11.88 -9.70 -26.74
CA MET B 194 12.54 -8.52 -27.32
C MET B 194 12.62 -7.38 -26.31
N ASP B 195 12.51 -7.74 -25.04
CA ASP B 195 12.45 -6.80 -23.91
C ASP B 195 11.40 -5.69 -24.07
N LEU B 196 10.30 -6.06 -24.71
CA LEU B 196 9.14 -5.20 -24.91
C LEU B 196 8.47 -4.84 -23.59
N TYR B 197 7.51 -3.91 -23.65
CA TYR B 197 6.54 -3.71 -22.61
C TYR B 197 5.47 -4.80 -22.73
N SER B 198 4.75 -5.05 -21.64
CA SER B 198 3.46 -5.73 -21.72
C SER B 198 2.40 -5.00 -20.91
N ILE B 199 1.16 -5.33 -21.21
CA ILE B 199 0.01 -4.84 -20.51
C ILE B 199 -0.73 -6.12 -20.10
N ASN B 200 -1.28 -6.13 -18.88
CA ASN B 200 -2.03 -7.27 -18.35
C ASN B 200 -3.26 -6.75 -17.61
N TYR B 201 -4.43 -7.19 -18.04
CA TYR B 201 -5.68 -6.83 -17.39
C TYR B 201 -6.37 -8.04 -16.78
N LEU B 202 -6.72 -7.95 -15.50
CA LEU B 202 -7.47 -8.99 -14.81
C LEU B 202 -8.97 -8.72 -14.93
N HIS B 203 -9.63 -9.52 -15.77
CA HIS B 203 -11.04 -9.34 -16.08
C HIS B 203 -11.92 -9.66 -14.91
N PHE B 204 -11.63 -10.78 -14.25
CA PHE B 204 -12.42 -11.26 -13.14
C PHE B 204 -11.66 -12.24 -12.26
N GLY B 205 -12.22 -12.51 -11.09
CA GLY B 205 -11.77 -13.60 -10.25
C GLY B 205 -10.84 -13.19 -9.13
N GLU B 206 -10.09 -14.17 -8.63
CA GLU B 206 -9.12 -13.98 -7.57
C GLU B 206 -7.86 -13.25 -8.04
N PRO B 207 -7.16 -12.58 -7.10
CA PRO B 207 -5.99 -11.78 -7.48
C PRO B 207 -4.80 -12.53 -8.11
N LYS B 208 -3.95 -11.74 -8.76
CA LYS B 208 -2.68 -12.20 -9.28
C LYS B 208 -1.60 -11.39 -8.54
N SER B 209 -0.66 -12.09 -7.91
CA SER B 209 0.49 -11.45 -7.27
C SER B 209 1.73 -11.45 -8.15
N TRP B 210 2.46 -10.34 -8.11
CA TRP B 210 3.63 -10.11 -8.94
C TRP B 210 4.86 -9.79 -8.08
N TYR B 211 6.00 -10.28 -8.51
CA TYR B 211 7.31 -9.85 -8.06
C TYR B 211 7.97 -9.16 -9.25
N SER B 212 8.70 -8.09 -8.98
CA SER B 212 9.41 -7.36 -10.03
C SER B 212 10.83 -6.99 -9.63
N VAL B 213 11.76 -7.06 -10.58
CA VAL B 213 13.12 -6.55 -10.35
C VAL B 213 13.33 -5.34 -11.26
N PRO B 214 13.84 -4.24 -10.69
CA PRO B 214 14.12 -3.06 -11.51
C PRO B 214 15.03 -3.38 -12.68
N PRO B 215 14.76 -2.80 -13.87
CA PRO B 215 15.65 -2.91 -15.02
C PRO B 215 17.12 -2.62 -14.73
N GLU B 216 17.41 -1.61 -13.90
CA GLU B 216 18.79 -1.30 -13.46
C GLU B 216 19.49 -2.45 -12.76
N HIS B 217 18.72 -3.35 -12.15
CA HIS B 217 19.30 -4.50 -11.43
C HIS B 217 19.06 -5.81 -12.14
N GLY B 218 18.45 -5.77 -13.32
CA GLY B 218 18.17 -6.97 -14.09
C GLY B 218 19.35 -7.88 -14.34
N LYS B 219 20.47 -7.28 -14.70
CA LYS B 219 21.72 -7.99 -15.00
C LYS B 219 22.23 -8.76 -13.78
N ARG B 220 21.90 -8.23 -12.62
CA ARG B 220 22.24 -8.81 -11.34
C ARG B 220 21.36 -10.05 -11.03
N LEU B 221 20.09 -10.01 -11.40
CA LEU B 221 19.26 -11.21 -11.39
C LEU B 221 19.84 -12.29 -12.32
N GLU B 222 20.23 -11.88 -13.52
CA GLU B 222 20.82 -12.78 -14.52
C GLU B 222 22.08 -13.51 -14.04
N ARG B 223 23.03 -12.78 -13.45
CA ARG B 223 24.25 -13.39 -12.93
C ARG B 223 23.91 -14.44 -11.87
N LEU B 224 22.89 -14.15 -11.08
CA LEU B 224 22.46 -15.04 -10.02
C LEU B 224 21.86 -16.34 -10.58
N ALA B 225 20.91 -16.19 -11.51
CA ALA B 225 20.31 -17.34 -12.20
C ALA B 225 21.36 -18.22 -12.89
N LYS B 226 22.32 -17.59 -13.57
CA LYS B 226 23.44 -18.28 -14.21
C LYS B 226 24.33 -19.03 -13.23
N GLY B 227 24.59 -18.43 -12.07
CA GLY B 227 25.40 -19.08 -11.04
C GLY B 227 24.73 -20.32 -10.48
N PHE B 228 23.41 -20.28 -10.39
CA PHE B 228 22.60 -21.39 -9.88
C PHE B 228 22.23 -22.48 -10.89
N PHE B 229 22.16 -22.11 -12.17
CA PHE B 229 21.91 -23.07 -13.23
C PHE B 229 23.00 -22.97 -14.28
N PRO B 230 24.23 -23.45 -13.96
CA PRO B 230 25.35 -23.24 -14.87
C PRO B 230 25.23 -24.07 -16.14
N GLY B 231 24.60 -25.24 -16.03
CA GLY B 231 24.37 -26.13 -17.17
C GLY B 231 23.45 -25.47 -18.19
N SER B 232 22.37 -24.87 -17.69
CA SER B 232 21.42 -24.10 -18.51
C SER B 232 22.05 -22.86 -19.18
N ALA B 233 22.93 -22.19 -18.43
CA ALA B 233 23.68 -21.05 -18.91
C ALA B 233 24.58 -21.37 -20.09
N GLN B 234 25.22 -22.54 -20.07
CA GLN B 234 26.11 -22.91 -21.19
C GLN B 234 25.34 -23.34 -22.45
N SER B 235 24.08 -23.72 -22.27
CA SER B 235 23.23 -24.20 -23.38
C SER B 235 22.42 -23.09 -24.05
N CYS B 236 22.17 -22.02 -23.31
CA CYS B 236 21.40 -20.90 -23.84
C CYS B 236 21.90 -19.58 -23.27
N GLU B 237 22.05 -18.60 -24.16
CA GLU B 237 22.46 -17.25 -23.80
C GLU B 237 21.35 -16.52 -23.03
N ALA B 238 20.12 -17.01 -23.19
CA ALA B 238 18.99 -16.38 -22.52
C ALA B 238 18.01 -17.42 -21.99
N PHE B 239 18.48 -18.28 -21.08
CA PHE B 239 17.63 -19.38 -20.61
C PHE B 239 16.38 -18.94 -19.83
N LEU B 240 16.43 -17.78 -19.17
CA LEU B 240 15.26 -17.29 -18.42
C LEU B 240 14.07 -17.06 -19.35
N ARG B 241 14.34 -16.86 -20.63
CA ARG B 241 13.27 -16.74 -21.65
C ARG B 241 12.48 -18.03 -21.84
N HIS B 242 13.01 -19.18 -21.40
CA HIS B 242 12.25 -20.45 -21.45
C HIS B 242 11.09 -20.44 -20.47
N LYS B 243 11.11 -19.48 -19.54
CA LYS B 243 10.04 -19.30 -18.56
C LYS B 243 9.79 -20.55 -17.68
N MET B 244 10.89 -21.18 -17.29
CA MET B 244 10.87 -22.34 -16.41
C MET B 244 11.47 -22.05 -15.01
N THR B 245 11.97 -20.84 -14.79
CA THR B 245 12.79 -20.58 -13.60
C THR B 245 12.04 -19.78 -12.53
N LEU B 246 11.84 -20.42 -11.37
CA LEU B 246 11.14 -19.80 -10.25
C LEU B 246 12.15 -19.55 -9.14
N ILE B 247 12.13 -18.35 -8.58
CA ILE B 247 13.10 -17.96 -7.55
C ILE B 247 12.31 -17.24 -6.49
N SER B 248 12.33 -17.76 -5.27
CA SER B 248 11.58 -17.17 -4.17
C SER B 248 12.16 -15.82 -3.76
N PRO B 249 11.31 -14.91 -3.23
CA PRO B 249 11.74 -13.60 -2.72
C PRO B 249 12.71 -13.68 -1.54
N LEU B 250 12.62 -14.75 -0.74
CA LEU B 250 13.63 -15.01 0.28
C LEU B 250 15.01 -15.21 -0.34
N MET B 251 15.06 -15.88 -1.48
CA MET B 251 16.34 -16.09 -2.16
C MET B 251 16.88 -14.82 -2.80
N LEU B 252 16.00 -13.98 -3.36
CA LEU B 252 16.42 -12.66 -3.88
C LEU B 252 16.98 -11.74 -2.79
N LYS B 253 16.36 -11.75 -1.61
CA LYS B 253 16.79 -10.95 -0.48
C LYS B 253 18.16 -11.43 0.02
N LYS B 254 18.32 -12.74 0.11
CA LYS B 254 19.55 -13.37 0.56
C LYS B 254 20.76 -12.99 -0.29
N TYR B 255 20.59 -12.94 -1.61
CA TYR B 255 21.66 -12.62 -2.53
C TYR B 255 21.72 -11.15 -2.88
N GLY B 256 20.88 -10.35 -2.21
CA GLY B 256 20.97 -8.89 -2.33
C GLY B 256 20.41 -8.32 -3.61
N ILE B 257 19.46 -9.03 -4.21
CA ILE B 257 18.77 -8.54 -5.40
C ILE B 257 17.47 -7.77 -5.07
N PRO B 258 17.45 -6.47 -5.41
CA PRO B 258 16.34 -5.57 -5.09
C PRO B 258 15.11 -5.98 -5.87
N PHE B 259 13.97 -6.00 -5.20
CA PHE B 259 12.73 -6.40 -5.87
C PHE B 259 11.60 -5.77 -5.10
N ASP B 260 10.41 -5.80 -5.68
CA ASP B 260 9.23 -5.36 -5.00
C ASP B 260 8.12 -6.38 -5.36
N LYS B 261 6.96 -6.26 -4.71
CA LYS B 261 5.82 -7.12 -4.95
C LYS B 261 4.51 -6.34 -4.86
N VAL B 262 3.53 -6.77 -5.63
CA VAL B 262 2.24 -6.10 -5.70
C VAL B 262 1.22 -7.15 -6.07
N THR B 263 0.01 -6.96 -5.56
CA THR B 263 -1.09 -7.81 -5.91
C THR B 263 -2.06 -7.01 -6.78
N GLN B 264 -2.40 -7.59 -7.92
CA GLN B 264 -3.32 -7.02 -8.88
C GLN B 264 -4.69 -7.63 -8.60
N GLU B 265 -5.72 -6.78 -8.50
CA GLU B 265 -7.08 -7.23 -8.22
C GLU B 265 -7.93 -7.19 -9.48
N ALA B 266 -9.09 -7.88 -9.46
CA ALA B 266 -10.01 -7.87 -10.61
C ALA B 266 -10.36 -6.43 -11.01
N GLY B 267 -10.20 -6.13 -12.29
CA GLY B 267 -10.45 -4.79 -12.78
C GLY B 267 -9.22 -3.90 -12.91
N GLU B 268 -8.01 -4.43 -12.66
CA GLU B 268 -6.81 -3.58 -12.70
C GLU B 268 -5.79 -4.02 -13.73
N PHE B 269 -5.11 -3.02 -14.31
CA PHE B 269 -4.00 -3.21 -15.24
C PHE B 269 -2.66 -3.22 -14.53
N MET B 270 -1.81 -4.13 -14.98
CA MET B 270 -0.40 -4.11 -14.68
C MET B 270 0.31 -3.82 -16.00
N ILE B 271 1.36 -3.01 -15.93
CA ILE B 271 2.18 -2.67 -17.08
C ILE B 271 3.58 -3.10 -16.66
N THR B 272 4.24 -3.84 -17.55
CA THR B 272 5.65 -4.14 -17.37
C THR B 272 6.43 -3.35 -18.40
N PHE B 273 7.64 -2.96 -18.01
CA PHE B 273 8.46 -2.05 -18.77
C PHE B 273 9.65 -2.80 -19.31
N PRO B 274 10.26 -2.27 -20.39
CA PRO B 274 11.39 -2.96 -21.00
C PRO B 274 12.46 -3.35 -19.99
N TYR B 275 12.82 -4.63 -20.06
CA TYR B 275 13.86 -5.24 -19.25
C TYR B 275 13.48 -5.28 -17.76
N GLY B 276 12.18 -5.25 -17.49
CA GLY B 276 11.69 -5.46 -16.15
C GLY B 276 11.44 -6.95 -15.93
N TYR B 277 12.25 -7.59 -15.10
CA TYR B 277 12.04 -9.01 -14.74
C TYR B 277 10.86 -9.13 -13.81
N HIS B 278 9.96 -10.07 -14.09
CA HIS B 278 8.82 -10.26 -13.20
C HIS B 278 8.45 -11.73 -13.17
N ALA B 279 7.75 -12.09 -12.10
CA ALA B 279 7.28 -13.43 -11.86
C ALA B 279 6.08 -13.32 -10.93
N GLY B 280 5.40 -14.43 -10.67
CA GLY B 280 4.27 -14.37 -9.76
C GLY B 280 3.33 -15.54 -9.85
N PHE B 281 2.17 -15.40 -9.21
CA PHE B 281 1.22 -16.50 -9.10
C PHE B 281 -0.20 -16.00 -8.93
N ASN B 282 -1.15 -16.86 -9.27
CA ASN B 282 -2.58 -16.60 -9.10
C ASN B 282 -3.13 -17.12 -7.78
N HIS B 283 -3.97 -16.30 -7.15
CA HIS B 283 -4.59 -16.64 -5.86
C HIS B 283 -5.64 -17.71 -5.98
N GLY B 284 -6.31 -17.76 -7.12
CA GLY B 284 -7.43 -18.66 -7.31
C GLY B 284 -7.95 -18.45 -8.70
N PHE B 285 -9.18 -18.87 -8.96
CA PHE B 285 -9.73 -18.86 -10.32
C PHE B 285 -9.89 -17.44 -10.84
N ASN B 286 -9.27 -17.18 -12.00
CA ASN B 286 -9.34 -15.85 -12.61
C ASN B 286 -9.06 -15.86 -14.09
N CYS B 287 -9.21 -14.69 -14.71
CA CYS B 287 -8.91 -14.54 -16.12
C CYS B 287 -8.22 -13.20 -16.40
N ALA B 288 -7.07 -13.28 -17.06
CA ALA B 288 -6.28 -12.12 -17.42
C ALA B 288 -6.06 -12.09 -18.92
N GLU B 289 -5.96 -10.90 -19.49
CA GLU B 289 -5.66 -10.71 -20.91
C GLU B 289 -4.40 -9.91 -21.01
N SER B 290 -3.48 -10.32 -21.90
CA SER B 290 -2.25 -9.56 -22.10
C SER B 290 -1.74 -9.56 -23.53
N THR B 291 -0.80 -8.67 -23.78
CA THR B 291 -0.12 -8.54 -25.06
C THR B 291 1.12 -7.68 -24.81
N ASN B 292 1.92 -7.49 -25.84
CA ASN B 292 3.09 -6.65 -25.75
C ASN B 292 2.80 -5.34 -26.44
N PHE B 293 3.67 -4.36 -26.23
CA PHE B 293 3.57 -3.12 -26.94
C PHE B 293 4.91 -2.43 -26.81
N ALA B 294 5.09 -1.38 -27.58
CA ALA B 294 6.34 -0.68 -27.68
C ALA B 294 6.09 0.82 -27.62
N THR B 295 7.12 1.55 -27.25
CA THR B 295 7.16 3.00 -27.37
C THR B 295 8.52 3.30 -27.97
N ARG B 296 8.83 4.58 -28.19
CA ARG B 296 10.12 4.97 -28.74
C ARG B 296 11.28 4.64 -27.81
N ARG B 297 11.03 4.75 -26.50
CA ARG B 297 12.01 4.42 -25.48
C ARG B 297 12.43 2.93 -25.53
N TRP B 298 11.52 2.06 -25.98
CA TRP B 298 11.83 0.64 -26.11
C TRP B 298 12.87 0.27 -27.16
N ILE B 299 12.92 1.01 -28.27
CA ILE B 299 13.78 0.67 -29.40
C ILE B 299 15.22 0.30 -29.04
N GLU B 300 15.85 1.12 -28.21
CA GLU B 300 17.19 0.80 -27.73
C GLU B 300 17.28 -0.55 -26.97
N TYR B 301 16.26 -0.86 -26.19
CA TYR B 301 16.15 -2.19 -25.53
C TYR B 301 16.02 -3.31 -26.54
N GLY B 302 15.17 -3.09 -27.55
CA GLY B 302 14.99 -4.00 -28.66
C GLY B 302 16.31 -4.35 -29.30
N LYS B 303 17.13 -3.33 -29.53
CA LYS B 303 18.42 -3.47 -30.23
C LYS B 303 19.45 -4.24 -29.43
N GLN B 304 19.28 -4.25 -28.11
CA GLN B 304 20.28 -4.84 -27.23
C GLN B 304 19.80 -6.11 -26.55
N ALA B 305 18.57 -6.52 -26.86
CA ALA B 305 17.96 -7.69 -26.24
C ALA B 305 18.80 -8.93 -26.54
N VAL B 306 19.12 -9.70 -25.51
CA VAL B 306 19.77 -11.00 -25.71
C VAL B 306 18.67 -12.06 -25.84
N LEU B 307 18.73 -12.80 -26.93
CA LEU B 307 17.65 -13.71 -27.28
C LEU B 307 18.02 -15.15 -26.96
N CYS B 308 17.00 -16.00 -26.89
CA CYS B 308 17.19 -17.43 -26.71
C CYS B 308 17.86 -17.96 -27.98
N SER B 309 19.01 -18.62 -27.79
CA SER B 309 19.77 -19.17 -28.92
C SER B 309 19.53 -20.67 -29.18
N CYS B 310 18.74 -21.33 -28.33
CA CYS B 310 18.63 -22.79 -28.38
C CYS B 310 17.32 -23.36 -28.94
N ARG B 311 16.29 -22.53 -29.07
CA ARG B 311 14.97 -23.00 -29.53
C ARG B 311 14.54 -22.44 -30.88
N LYS B 312 13.44 -23.01 -31.40
CA LYS B 312 13.01 -22.81 -32.80
C LYS B 312 11.86 -21.80 -32.96
N ASP B 313 10.84 -21.90 -32.10
CA ASP B 313 9.66 -21.03 -32.18
C ASP B 313 9.83 -19.69 -31.44
N MET B 314 11.05 -19.36 -31.03
CA MET B 314 11.31 -18.16 -30.20
C MET B 314 11.00 -16.87 -30.96
N VAL B 315 10.36 -15.93 -30.27
CA VAL B 315 10.03 -14.61 -30.84
C VAL B 315 11.28 -13.79 -31.14
N LYS B 316 11.37 -13.37 -32.40
CA LYS B 316 12.46 -12.55 -32.90
C LYS B 316 11.85 -11.47 -33.78
N ILE B 317 12.10 -10.22 -33.42
CA ILE B 317 11.65 -9.08 -34.20
C ILE B 317 12.88 -8.41 -34.81
N SER B 318 12.84 -8.16 -36.10
CA SER B 318 13.88 -7.39 -36.77
C SER B 318 13.78 -5.93 -36.34
N MET B 319 14.89 -5.37 -35.85
CA MET B 319 14.88 -3.98 -35.36
C MET B 319 14.98 -2.95 -36.50
N ASP B 320 15.27 -3.43 -37.70
CA ASP B 320 15.60 -2.61 -38.85
C ASP B 320 14.61 -1.44 -39.11
N VAL B 321 13.32 -1.74 -39.12
CA VAL B 321 12.26 -0.74 -39.38
C VAL B 321 12.20 0.33 -38.28
N PHE B 322 12.50 -0.05 -37.05
CA PHE B 322 12.51 0.89 -35.93
C PHE B 322 13.71 1.82 -35.94
N VAL B 323 14.88 1.29 -36.28
CA VAL B 323 16.10 2.06 -36.35
C VAL B 323 16.04 2.99 -37.55
N ARG B 324 15.61 2.45 -38.69
CA ARG B 324 15.39 3.22 -39.92
C ARG B 324 14.45 4.41 -39.69
N LYS B 325 13.28 4.16 -39.12
CA LYS B 325 12.24 5.17 -38.93
C LYS B 325 12.55 6.19 -37.82
N PHE B 326 12.89 5.69 -36.63
CA PHE B 326 13.00 6.53 -35.42
C PHE B 326 14.43 6.92 -35.03
N GLN B 327 15.41 6.28 -35.67
CA GLN B 327 16.83 6.62 -35.45
C GLN B 327 17.61 6.73 -36.76
N PRO B 328 17.12 7.52 -37.75
CA PRO B 328 17.78 7.63 -39.05
C PRO B 328 19.25 8.06 -39.00
N GLU B 329 19.62 8.87 -38.01
CA GLU B 329 21.00 9.39 -37.89
C GLU B 329 21.93 8.24 -37.58
N ARG B 330 21.41 7.23 -36.90
CA ARG B 330 22.20 6.11 -36.40
C ARG B 330 22.12 4.82 -37.22
N TYR B 331 21.20 4.79 -38.18
CA TYR B 331 20.91 3.57 -38.93
C TYR B 331 22.12 2.97 -39.66
N LYS B 332 22.95 3.84 -40.21
CA LYS B 332 24.15 3.41 -40.95
C LYS B 332 25.18 2.83 -39.97
N LEU B 333 25.35 3.48 -38.82
CA LEU B 333 26.22 2.99 -37.75
C LEU B 333 25.75 1.61 -37.27
N TRP B 334 24.49 1.54 -36.86
CA TRP B 334 23.87 0.31 -36.38
C TRP B 334 23.99 -0.88 -37.35
N LYS B 335 23.61 -0.66 -38.62
CA LYS B 335 23.76 -1.66 -39.68
C LYS B 335 25.19 -2.20 -39.76
N ALA B 336 26.17 -1.32 -39.58
CA ALA B 336 27.58 -1.70 -39.62
C ALA B 336 28.08 -2.38 -38.34
N GLY B 337 27.25 -2.39 -37.29
CA GLY B 337 27.62 -2.97 -36.00
C GLY B 337 28.35 -2.02 -35.04
N LYS B 338 28.44 -0.75 -35.41
CA LYS B 338 29.22 0.25 -34.68
C LYS B 338 28.39 1.14 -33.72
N ASP B 339 27.11 0.79 -33.52
CA ASP B 339 26.26 1.56 -32.60
C ASP B 339 26.55 1.17 -31.14
N ASN B 340 27.33 2.01 -30.46
CA ASN B 340 27.74 1.74 -29.08
C ASN B 340 26.94 2.48 -27.99
N THR B 341 25.66 2.76 -28.29
CA THR B 341 24.73 3.37 -27.34
C THR B 341 24.57 2.53 -26.06
N VAL B 342 24.64 3.21 -24.92
CA VAL B 342 24.48 2.57 -23.61
C VAL B 342 23.16 3.01 -23.01
N ILE B 343 22.35 2.03 -22.58
CA ILE B 343 21.06 2.31 -21.98
C ILE B 343 21.17 2.78 -20.50
N ASP B 344 20.51 3.92 -20.25
CA ASP B 344 20.29 4.44 -18.91
C ASP B 344 18.83 4.14 -18.52
N HIS B 345 18.67 3.13 -17.66
CA HIS B 345 17.37 2.59 -17.26
C HIS B 345 16.46 3.54 -16.46
N THR B 346 16.99 4.72 -16.12
CA THR B 346 16.28 5.66 -15.24
C THR B 346 15.50 6.76 -16.00
N LEU B 347 15.86 6.99 -17.26
CA LEU B 347 15.25 8.07 -18.08
C LEU B 347 13.88 7.66 -18.66
N PRO B 348 12.92 8.63 -18.78
CA PRO B 348 11.58 8.43 -19.35
C PRO B 348 11.43 8.57 -20.90
N GLY C 8 8.58 5.68 32.05
CA GLY C 8 7.89 7.00 31.94
C GLY C 8 8.22 7.77 30.67
N GLY C 9 8.14 9.10 30.76
CA GLY C 9 8.37 10.01 29.64
C GLY C 9 7.34 11.14 29.60
N VAL C 10 7.21 11.77 28.43
CA VAL C 10 6.18 12.80 28.17
C VAL C 10 5.69 12.62 26.74
N THR D 7 9.94 -9.70 -37.86
CA THR D 7 9.12 -10.57 -36.96
C THR D 7 9.27 -12.09 -37.22
N GLY D 8 8.77 -12.90 -36.30
CA GLY D 8 8.75 -14.36 -36.42
C GLY D 8 8.66 -15.08 -35.08
N GLY D 9 7.69 -15.98 -34.94
CA GLY D 9 7.53 -16.82 -33.72
C GLY D 9 6.20 -16.71 -33.01
N VAL D 10 6.12 -17.32 -31.82
CA VAL D 10 4.95 -17.19 -30.92
C VAL D 10 5.36 -17.04 -29.44
#